data_4FJ0
#
_entry.id   4FJ0
#
_cell.length_a   62.340
_cell.length_b   113.250
_cell.length_c   69.310
_cell.angle_alpha   90.00
_cell.angle_beta   102.76
_cell.angle_gamma   90.00
#
_symmetry.space_group_name_H-M   'P 1 21 1'
#
loop_
_entity.id
_entity.type
_entity.pdbx_description
1 polymer '17beta-hydroxysteroid dehydrogenase'
2 non-polymer 'NADP NICOTINAMIDE-ADENINE-DINUCLEOTIDE PHOSPHATE'
3 non-polymer 1,2-ETHANEDIOL
4 non-polymer 3,7-dihydroxy-2-phenyl-4H-chromen-4-one
5 water water
#
_entity_poly.entity_id   1
_entity_poly.type   'polypeptide(L)'
_entity_poly.pdbx_seq_one_letter_code
;MPHVENASETYIPGRLDGKVALVTGSGRGIGAAVAVHLGRLGAKVVVNYANSTKDAEKVVSEIKALGSDAIAIKADIRQV
PEIVKLFDQAVAHFGHLDIAVSNSGVVSFGHLKDVTEEEFDRVFSLNTRGQFFVAREAYRHLTEGGRIVLTSSNTSKDFS
VPKHSLYSGSKGAVDSFVRIFSKDCGDKKITVNAVAPGGTVTDMFHEVSHHYIPNGTSYTAEQRQQMAAHASPLHRNGWP
QDVANVVGFLVSKEGEWVNGKVLTLDGGAA
;
_entity_poly.pdbx_strand_id   A,B,C,D
#
# COMPACT_ATOMS: atom_id res chain seq x y z
N TYR A 11 32.57 5.62 18.13
CA TYR A 11 31.07 5.58 18.18
C TYR A 11 30.48 4.21 17.79
N ILE A 12 29.73 3.61 18.72
CA ILE A 12 29.10 2.32 18.51
C ILE A 12 27.56 2.49 18.47
N PRO A 13 26.96 2.29 17.27
CA PRO A 13 25.52 2.54 17.14
C PRO A 13 24.65 1.43 17.69
N GLY A 14 23.51 1.81 18.24
CA GLY A 14 22.42 0.85 18.39
C GLY A 14 22.53 -0.10 19.57
N ARG A 15 23.24 0.26 20.63
CA ARG A 15 23.34 -0.64 21.79
C ARG A 15 22.19 -0.42 22.77
N LEU A 16 22.02 -1.37 23.69
CA LEU A 16 20.88 -1.43 24.61
C LEU A 16 21.32 -1.67 26.04
N ASP A 17 22.53 -1.23 26.37
CA ASP A 17 23.04 -1.43 27.71
C ASP A 17 22.11 -0.81 28.76
N GLY A 18 21.83 -1.55 29.83
CA GLY A 18 20.93 -1.13 30.89
C GLY A 18 19.46 -1.39 30.60
N LYS A 19 19.13 -1.81 29.38
CA LYS A 19 17.74 -2.06 29.02
C LYS A 19 17.33 -3.49 29.35
N VAL A 20 16.03 -3.69 29.47
CA VAL A 20 15.47 -5.00 29.69
C VAL A 20 14.45 -5.25 28.58
N ALA A 21 14.57 -6.41 27.94
CA ALA A 21 13.73 -6.77 26.80
C ALA A 21 13.02 -8.08 27.12
N LEU A 22 11.82 -8.25 26.56
CA LEU A 22 11.08 -9.50 26.65
C LEU A 22 10.75 -9.93 25.24
N VAL A 23 10.99 -11.20 24.91
CA VAL A 23 10.64 -11.74 23.60
C VAL A 23 9.76 -12.96 23.72
N THR A 24 8.57 -12.91 23.12
CA THR A 24 7.69 -14.09 23.17
C THR A 24 8.15 -15.11 22.14
N GLY A 25 8.05 -16.39 22.51
CA GLY A 25 8.44 -17.48 21.62
C GLY A 25 9.90 -17.44 21.23
N SER A 26 10.76 -17.22 22.22
CA SER A 26 12.18 -17.01 21.95
C SER A 26 13.04 -18.19 22.30
N GLY A 27 12.43 -19.33 22.58
CA GLY A 27 13.19 -20.58 22.70
C GLY A 27 13.80 -21.09 21.39
N ARG A 28 13.19 -20.76 20.27
CA ARG A 28 13.70 -21.19 18.96
C ARG A 28 13.25 -20.26 17.85
N GLY A 29 13.81 -20.47 16.65
CA GLY A 29 13.44 -19.75 15.46
C GLY A 29 13.85 -18.30 15.50
N ILE A 30 13.02 -17.45 14.90
CA ILE A 30 13.31 -16.06 14.80
C ILE A 30 13.42 -15.47 16.22
N GLY A 31 12.51 -15.88 17.11
CA GLY A 31 12.50 -15.34 18.46
C GLY A 31 13.79 -15.61 19.20
N ALA A 32 14.36 -16.79 18.99
CA ALA A 32 15.64 -17.13 19.60
C ALA A 32 16.73 -16.18 19.14
N ALA A 33 16.80 -15.94 17.81
CA ALA A 33 17.82 -15.05 17.27
C ALA A 33 17.61 -13.62 17.77
N VAL A 34 16.36 -13.17 17.89
CA VAL A 34 16.09 -11.85 18.42
C VAL A 34 16.57 -11.73 19.85
N ALA A 35 16.21 -12.71 20.68
CA ALA A 35 16.57 -12.68 22.10
C ALA A 35 18.08 -12.66 22.28
N VAL A 36 18.79 -13.53 21.57
CA VAL A 36 20.24 -13.55 21.68
C VAL A 36 20.85 -12.24 21.20
N HIS A 37 20.28 -11.70 20.13
CA HIS A 37 20.76 -10.45 19.58
C HIS A 37 20.56 -9.29 20.53
N LEU A 38 19.37 -9.18 21.12
CA LEU A 38 19.15 -8.12 22.09
C LEU A 38 20.13 -8.22 23.25
N GLY A 39 20.42 -9.45 23.68
CA GLY A 39 21.46 -9.69 24.66
C GLY A 39 22.84 -9.26 24.20
N ARG A 40 23.15 -9.57 22.94
CA ARG A 40 24.41 -9.15 22.34
C ARG A 40 24.54 -7.62 22.35
N LEU A 41 23.42 -6.93 22.19
CA LEU A 41 23.41 -5.45 22.20
C LEU A 41 23.45 -4.89 23.62
N GLY A 42 23.38 -5.77 24.62
CA GLY A 42 23.57 -5.39 26.01
C GLY A 42 22.32 -5.43 26.87
N ALA A 43 21.18 -5.82 26.30
CA ALA A 43 19.96 -5.88 27.08
C ALA A 43 19.92 -7.11 27.95
N LYS A 44 19.27 -7.02 29.11
CA LYS A 44 18.87 -8.19 29.86
C LYS A 44 17.58 -8.72 29.22
N VAL A 45 17.41 -10.04 29.19
CA VAL A 45 16.33 -10.61 28.33
C VAL A 45 15.44 -11.62 29.04
N VAL A 46 14.14 -11.43 28.94
CA VAL A 46 13.20 -12.41 29.35
C VAL A 46 12.83 -13.26 28.15
N VAL A 47 13.18 -14.54 28.24
CA VAL A 47 12.99 -15.51 27.17
C VAL A 47 11.71 -16.28 27.46
N ASN A 48 10.63 -15.90 26.79
CA ASN A 48 9.38 -16.63 26.94
C ASN A 48 9.35 -17.84 25.98
N TYR A 49 8.80 -18.94 26.47
CA TYR A 49 8.51 -20.10 25.64
C TYR A 49 7.19 -20.71 26.12
N ALA A 50 6.63 -21.59 25.30
CA ALA A 50 5.42 -22.33 25.67
C ALA A 50 5.68 -23.83 25.85
N ASN A 51 6.51 -24.41 24.97
CA ASN A 51 6.81 -25.83 24.99
C ASN A 51 8.30 -26.17 24.98
N SER A 52 9.12 -25.32 24.34
CA SER A 52 10.53 -25.64 24.09
C SER A 52 11.40 -25.25 25.29
N THR A 53 11.25 -25.99 26.39
CA THR A 53 11.98 -25.68 27.61
C THR A 53 13.51 -25.72 27.43
N LYS A 54 14.00 -26.79 26.82
CA LYS A 54 15.45 -27.00 26.66
C LYS A 54 16.07 -25.96 25.75
N ASP A 55 15.37 -25.66 24.67
CA ASP A 55 15.82 -24.63 23.75
C ASP A 55 15.85 -23.25 24.43
N ALA A 56 14.83 -22.94 25.23
CA ALA A 56 14.84 -21.67 25.99
C ALA A 56 16.04 -21.60 26.94
N GLU A 57 16.40 -22.71 27.58
CA GLU A 57 17.60 -22.76 28.42
C GLU A 57 18.88 -22.52 27.63
N LYS A 58 18.96 -23.05 26.41
CA LYS A 58 20.09 -22.78 25.51
C LYS A 58 20.21 -21.30 25.15
N VAL A 59 19.09 -20.66 24.86
CA VAL A 59 19.09 -19.22 24.56
C VAL A 59 19.52 -18.39 25.77
N VAL A 60 18.98 -18.72 26.94
CA VAL A 60 19.39 -18.09 28.20
C VAL A 60 20.90 -18.23 28.38
N SER A 61 21.40 -19.45 28.23
CA SER A 61 22.84 -19.70 28.38
C SER A 61 23.66 -18.87 27.42
N GLU A 62 23.18 -18.77 26.18
CA GLU A 62 23.88 -17.99 25.20
C GLU A 62 23.92 -16.50 25.55
N ILE A 63 22.82 -15.98 26.07
CA ILE A 63 22.78 -14.59 26.47
C ILE A 63 23.73 -14.33 27.65
N LYS A 64 23.78 -15.25 28.59
CA LYS A 64 24.72 -15.13 29.72
C LYS A 64 26.17 -15.21 29.22
N ALA A 65 26.42 -16.04 28.21
CA ALA A 65 27.76 -16.19 27.63
C ALA A 65 28.24 -14.91 27.00
N LEU A 66 27.34 -14.20 26.33
CA LEU A 66 27.63 -12.90 25.75
C LEU A 66 27.83 -11.77 26.76
N GLY A 67 27.61 -12.05 28.04
CA GLY A 67 27.90 -11.10 29.10
C GLY A 67 26.68 -10.38 29.65
N SER A 68 25.49 -10.81 29.25
CA SER A 68 24.29 -10.17 29.77
C SER A 68 23.60 -11.13 30.73
N ASP A 69 22.35 -10.84 31.07
CA ASP A 69 21.57 -11.73 31.93
C ASP A 69 20.25 -12.06 31.26
N ALA A 70 19.69 -13.22 31.61
CA ALA A 70 18.44 -13.65 31.05
C ALA A 70 17.76 -14.66 31.95
N ILE A 71 16.45 -14.78 31.76
CA ILE A 71 15.66 -15.76 32.47
C ILE A 71 14.63 -16.29 31.48
N ALA A 72 14.34 -17.58 31.57
CA ALA A 72 13.30 -18.21 30.77
C ALA A 72 12.03 -18.26 31.60
N ILE A 73 10.92 -17.82 31.03
CA ILE A 73 9.60 -17.90 31.69
C ILE A 73 8.57 -18.52 30.74
N LYS A 74 7.98 -19.63 31.18
CA LYS A 74 6.91 -20.29 30.45
C LYS A 74 5.59 -19.52 30.52
N ALA A 75 4.98 -19.28 29.37
CA ALA A 75 3.65 -18.70 29.29
C ALA A 75 3.05 -19.02 27.94
N ASP A 76 1.81 -19.49 27.97
CA ASP A 76 1.04 -19.74 26.75
C ASP A 76 0.38 -18.41 26.34
N ILE A 77 0.86 -17.84 25.25
CA ILE A 77 0.42 -16.51 24.83
C ILE A 77 -1.02 -16.50 24.29
N ARG A 78 -1.63 -17.67 24.08
CA ARG A 78 -3.07 -17.75 23.81
C ARG A 78 -3.91 -17.37 25.04
N GLN A 79 -3.33 -17.50 26.24
CA GLN A 79 -4.05 -17.24 27.49
C GLN A 79 -3.69 -15.86 28.01
N VAL A 80 -4.64 -14.94 27.93
CA VAL A 80 -4.39 -13.55 28.33
C VAL A 80 -3.96 -13.44 29.80
N PRO A 81 -4.61 -14.20 30.70
CA PRO A 81 -4.09 -14.16 32.09
C PRO A 81 -2.60 -14.58 32.19
N GLU A 82 -2.15 -15.50 31.32
CA GLU A 82 -0.74 -15.92 31.37
C GLU A 82 0.17 -14.85 30.81
N ILE A 83 -0.35 -14.04 29.89
CA ILE A 83 0.41 -12.89 29.40
C ILE A 83 0.61 -11.88 30.53
N VAL A 84 -0.46 -11.53 31.23
CA VAL A 84 -0.40 -10.60 32.33
C VAL A 84 0.65 -11.08 33.32
N LYS A 85 0.60 -12.35 33.69
CA LYS A 85 1.53 -12.90 34.66
C LYS A 85 2.95 -12.83 34.15
N LEU A 86 3.13 -13.14 32.88
CA LEU A 86 4.47 -13.11 32.27
C LEU A 86 5.12 -11.75 32.47
N PHE A 87 4.38 -10.71 32.14
CA PHE A 87 4.87 -9.35 32.25
C PHE A 87 5.06 -8.93 33.70
N ASP A 88 4.13 -9.33 34.58
CA ASP A 88 4.32 -9.10 36.02
C ASP A 88 5.62 -9.75 36.54
N GLN A 89 5.87 -10.99 36.13
CA GLN A 89 7.06 -11.71 36.58
C GLN A 89 8.32 -11.08 35.99
N ALA A 90 8.24 -10.61 34.75
CA ALA A 90 9.37 -9.98 34.11
C ALA A 90 9.81 -8.77 34.92
N VAL A 91 8.86 -7.90 35.23
CA VAL A 91 9.14 -6.67 35.97
C VAL A 91 9.58 -6.96 37.41
N ALA A 92 8.95 -7.94 38.05
CA ALA A 92 9.36 -8.34 39.42
C ALA A 92 10.82 -8.83 39.45
N HIS A 93 11.25 -9.50 38.38
CA HIS A 93 12.60 -10.05 38.33
C HIS A 93 13.66 -9.02 38.02
N PHE A 94 13.46 -8.25 36.96
CA PHE A 94 14.47 -7.28 36.53
C PHE A 94 14.24 -5.85 36.99
N GLY A 95 13.08 -5.56 37.59
CA GLY A 95 12.80 -4.23 38.12
C GLY A 95 12.02 -3.33 37.16
N HIS A 96 12.27 -3.48 35.86
CA HIS A 96 11.56 -2.71 34.86
C HIS A 96 11.65 -3.42 33.53
N LEU A 97 10.89 -2.94 32.55
CA LEU A 97 10.87 -3.49 31.22
C LEU A 97 10.80 -2.35 30.19
N ASP A 98 11.68 -2.40 29.20
CA ASP A 98 11.84 -1.36 28.19
C ASP A 98 11.42 -1.77 26.78
N ILE A 99 11.57 -3.05 26.48
CA ILE A 99 11.42 -3.55 25.12
C ILE A 99 10.59 -4.83 25.13
N ALA A 100 9.56 -4.88 24.28
CA ALA A 100 8.72 -6.06 24.14
C ALA A 100 8.68 -6.44 22.67
N VAL A 101 9.11 -7.65 22.36
CA VAL A 101 9.03 -8.19 21.01
C VAL A 101 8.08 -9.37 21.01
N SER A 102 6.98 -9.21 20.28
CA SER A 102 5.94 -10.21 20.16
C SER A 102 6.24 -10.98 18.89
N ASN A 103 6.66 -12.22 19.06
CA ASN A 103 7.17 -13.05 17.97
C ASN A 103 6.40 -14.36 17.79
N SER A 104 5.76 -14.84 18.84
CA SER A 104 5.07 -16.14 18.81
C SER A 104 4.03 -16.20 17.69
N GLY A 105 4.02 -17.28 16.94
CA GLY A 105 3.07 -17.45 15.84
C GLY A 105 3.06 -18.86 15.31
N VAL A 106 1.95 -19.24 14.66
CA VAL A 106 1.82 -20.51 13.96
C VAL A 106 1.37 -20.23 12.52
N VAL A 107 1.72 -21.14 11.62
CA VAL A 107 1.37 -20.99 10.21
C VAL A 107 0.27 -22.00 9.91
N SER A 108 -0.40 -21.80 8.79
CA SER A 108 -1.54 -22.64 8.41
C SER A 108 -1.73 -22.51 6.93
N PHE A 109 -2.14 -23.62 6.32
CA PHE A 109 -2.49 -23.68 4.94
C PHE A 109 -3.78 -24.45 4.77
N GLY A 110 -4.57 -24.01 3.81
CA GLY A 110 -5.77 -24.72 3.45
C GLY A 110 -6.60 -23.83 2.55
N HIS A 111 -7.21 -24.45 1.56
CA HIS A 111 -8.19 -23.77 0.72
C HIS A 111 -9.32 -23.27 1.60
N LEU A 112 -9.80 -22.07 1.28
CA LEU A 112 -10.94 -21.49 1.95
C LEU A 112 -12.06 -22.51 2.24
N LYS A 113 -12.41 -23.33 1.26
CA LYS A 113 -13.51 -24.26 1.43
C LYS A 113 -13.36 -25.21 2.61
N ASP A 114 -12.13 -25.49 3.05
CA ASP A 114 -11.85 -26.54 4.03
C ASP A 114 -11.47 -25.97 5.41
N VAL A 115 -11.35 -24.65 5.51
CA VAL A 115 -10.95 -24.07 6.78
C VAL A 115 -12.12 -24.21 7.79
N THR A 116 -11.81 -24.80 8.93
CA THR A 116 -12.78 -25.01 10.02
C THR A 116 -12.71 -23.88 11.04
N GLU A 117 -13.72 -23.81 11.91
CA GLU A 117 -13.72 -22.91 13.08
C GLU A 117 -12.51 -23.11 13.94
N GLU A 118 -12.20 -24.38 14.22
CA GLU A 118 -11.10 -24.69 15.12
C GLU A 118 -9.80 -24.19 14.54
N GLU A 119 -9.61 -24.30 13.23
CA GLU A 119 -8.36 -23.86 12.65
C GLU A 119 -8.30 -22.33 12.66
N PHE A 120 -9.41 -21.67 12.34
CA PHE A 120 -9.46 -20.22 12.49
C PHE A 120 -9.02 -19.80 13.88
N ASP A 121 -9.59 -20.41 14.91
CA ASP A 121 -9.27 -20.01 16.28
C ASP A 121 -7.82 -20.36 16.71
N ARG A 122 -7.31 -21.49 16.26
CA ARG A 122 -5.94 -21.89 16.57
C ARG A 122 -4.95 -20.84 16.06
N VAL A 123 -5.19 -20.32 14.87
CA VAL A 123 -4.30 -19.35 14.29
C VAL A 123 -4.50 -17.96 14.85
N PHE A 124 -5.74 -17.49 14.85
CA PHE A 124 -6.01 -16.14 15.33
C PHE A 124 -5.75 -15.94 16.82
N SER A 125 -6.03 -16.94 17.63
CA SER A 125 -5.81 -16.81 19.08
C SER A 125 -4.37 -16.49 19.40
N LEU A 126 -3.43 -17.00 18.61
CA LEU A 126 -2.01 -16.73 18.84
C LEU A 126 -1.51 -15.55 18.00
N ASN A 127 -1.75 -15.59 16.69
CA ASN A 127 -1.12 -14.64 15.78
C ASN A 127 -1.67 -13.21 15.91
N THR A 128 -2.91 -13.08 16.34
CA THR A 128 -3.62 -11.80 16.26
C THR A 128 -4.09 -11.38 17.65
N ARG A 129 -4.89 -12.22 18.26
CA ARG A 129 -5.40 -11.98 19.60
C ARG A 129 -4.23 -11.95 20.59
N GLY A 130 -3.35 -12.93 20.51
CA GLY A 130 -2.22 -13.03 21.41
C GLY A 130 -1.31 -11.83 21.28
N GLN A 131 -0.96 -11.47 20.05
CA GLN A 131 -0.08 -10.32 19.84
C GLN A 131 -0.74 -9.05 20.32
N PHE A 132 -2.06 -8.96 20.16
CA PHE A 132 -2.78 -7.76 20.57
C PHE A 132 -2.64 -7.58 22.09
N PHE A 133 -2.82 -8.65 22.85
CA PHE A 133 -2.73 -8.53 24.31
C PHE A 133 -1.32 -8.51 24.84
N VAL A 134 -0.37 -9.05 24.07
CA VAL A 134 1.04 -8.85 24.39
C VAL A 134 1.34 -7.36 24.30
N ALA A 135 0.84 -6.70 23.24
CA ALA A 135 1.00 -5.25 23.09
C ALA A 135 0.33 -4.51 24.24
N ARG A 136 -0.90 -4.89 24.59
CA ARG A 136 -1.58 -4.21 25.69
C ARG A 136 -0.78 -4.29 26.98
N GLU A 137 -0.33 -5.49 27.32
CA GLU A 137 0.42 -5.67 28.56
C GLU A 137 1.77 -4.98 28.48
N ALA A 138 2.39 -4.99 27.31
CA ALA A 138 3.62 -4.26 27.09
C ALA A 138 3.42 -2.78 27.36
N TYR A 139 2.38 -2.19 26.78
CA TYR A 139 2.13 -0.77 27.03
C TYR A 139 1.97 -0.52 28.52
N ARG A 140 1.24 -1.38 29.22
CA ARG A 140 1.00 -1.16 30.66
C ARG A 140 2.28 -1.27 31.50
N HIS A 141 3.18 -2.15 31.12
CA HIS A 141 4.37 -2.45 31.91
C HIS A 141 5.63 -1.73 31.50
N LEU A 142 5.69 -1.21 30.27
CA LEU A 142 6.94 -0.57 29.80
C LEU A 142 7.23 0.78 30.44
N THR A 143 8.52 1.06 30.58
CA THR A 143 8.99 2.37 30.98
C THR A 143 8.81 3.36 29.81
N GLU A 144 8.65 4.63 30.15
CA GLU A 144 8.60 5.72 29.17
C GLU A 144 9.77 5.57 28.16
N GLY A 145 9.51 5.76 26.87
CA GLY A 145 10.57 5.70 25.88
C GLY A 145 10.85 4.30 25.38
N GLY A 146 9.99 3.35 25.74
CA GLY A 146 10.16 1.96 25.37
C GLY A 146 9.82 1.63 23.93
N ARG A 147 9.79 0.34 23.64
CA ARG A 147 9.67 -0.16 22.27
C ARG A 147 8.86 -1.40 22.25
N ILE A 148 7.90 -1.47 21.33
CA ILE A 148 7.15 -2.67 21.08
C ILE A 148 7.33 -3.04 19.61
N VAL A 149 7.63 -4.31 19.33
CA VAL A 149 7.69 -4.79 17.98
C VAL A 149 6.86 -6.06 17.87
N LEU A 150 5.92 -6.06 16.93
CA LEU A 150 5.10 -7.22 16.65
C LEU A 150 5.59 -7.90 15.39
N THR A 151 5.11 -9.12 15.15
CA THR A 151 5.54 -9.87 13.98
C THR A 151 4.37 -10.09 13.02
N SER A 152 4.59 -9.68 11.78
CA SER A 152 3.61 -9.85 10.73
C SER A 152 4.25 -10.81 9.72
N SER A 153 4.03 -10.57 8.43
CA SER A 153 4.51 -11.46 7.40
C SER A 153 4.43 -10.78 6.05
N ASN A 154 5.30 -11.14 5.11
CA ASN A 154 5.19 -10.59 3.76
C ASN A 154 3.88 -11.01 3.10
N THR A 155 3.26 -12.10 3.57
CA THR A 155 2.00 -12.59 3.02
C THR A 155 0.77 -11.73 3.33
N SER A 156 0.90 -10.82 4.30
CA SER A 156 -0.23 -10.02 4.68
C SER A 156 -0.56 -9.02 3.56
N LYS A 157 0.47 -8.46 2.94
CA LYS A 157 0.31 -7.43 1.91
C LYS A 157 1.09 -7.73 0.61
N ASP A 158 2.36 -8.16 0.70
CA ASP A 158 3.27 -8.13 -0.44
C ASP A 158 3.33 -9.39 -1.28
N PHE A 159 2.87 -10.50 -0.74
CA PHE A 159 3.07 -11.79 -1.37
C PHE A 159 1.75 -12.55 -1.27
N SER A 160 1.25 -13.06 -2.38
CA SER A 160 -0.05 -13.73 -2.41
C SER A 160 0.09 -15.20 -2.72
N VAL A 161 -0.25 -16.03 -1.73
CA VAL A 161 -0.04 -17.47 -1.86
C VAL A 161 -1.38 -18.16 -1.81
N PRO A 162 -1.69 -18.97 -2.81
CA PRO A 162 -2.92 -19.76 -2.70
C PRO A 162 -3.00 -20.55 -1.39
N LYS A 163 -4.23 -20.75 -0.90
CA LYS A 163 -4.51 -21.57 0.28
C LYS A 163 -3.86 -21.05 1.55
N HIS A 164 -3.65 -19.74 1.62
CA HIS A 164 -2.93 -19.13 2.74
C HIS A 164 -3.74 -17.99 3.33
N SER A 165 -5.06 -18.04 3.21
CA SER A 165 -5.89 -16.87 3.53
C SER A 165 -5.94 -16.59 5.03
N LEU A 166 -6.11 -17.65 5.81
CA LEU A 166 -6.20 -17.53 7.26
C LEU A 166 -4.97 -16.89 7.87
N TYR A 167 -3.81 -17.41 7.52
CA TYR A 167 -2.56 -16.84 8.03
C TYR A 167 -2.34 -15.41 7.54
N SER A 168 -2.56 -15.19 6.24
CA SER A 168 -2.30 -13.88 5.65
C SER A 168 -3.14 -12.85 6.40
N GLY A 169 -4.41 -13.21 6.66
CA GLY A 169 -5.31 -12.32 7.39
C GLY A 169 -4.96 -12.11 8.84
N SER A 170 -4.41 -13.14 9.48
CA SER A 170 -3.99 -13.02 10.86
C SER A 170 -2.91 -11.98 11.01
N LYS A 171 -2.06 -11.88 9.99
CA LYS A 171 -0.96 -10.94 10.02
C LYS A 171 -1.34 -9.58 9.43
N GLY A 172 -2.33 -9.55 8.53
CA GLY A 172 -2.90 -8.27 8.08
C GLY A 172 -3.50 -7.47 9.23
N ALA A 173 -4.18 -8.15 10.15
CA ALA A 173 -4.72 -7.46 11.33
C ALA A 173 -3.57 -6.79 12.13
N VAL A 174 -2.46 -7.48 12.29
CA VAL A 174 -1.30 -6.94 13.01
C VAL A 174 -0.76 -5.68 12.36
N ASP A 175 -0.60 -5.70 11.04
CA ASP A 175 -0.22 -4.50 10.28
C ASP A 175 -1.07 -3.29 10.66
N SER A 176 -2.39 -3.46 10.67
CA SER A 176 -3.27 -2.37 11.04
C SER A 176 -3.09 -2.00 12.50
N PHE A 177 -2.96 -3.00 13.36
CA PHE A 177 -2.78 -2.74 14.78
C PHE A 177 -1.63 -1.77 15.04
N VAL A 178 -0.47 -2.04 14.45
CA VAL A 178 0.73 -1.32 14.87
C VAL A 178 0.64 0.15 14.52
N ARG A 179 0.01 0.47 13.39
CA ARG A 179 -0.17 1.84 12.98
C ARG A 179 -0.99 2.64 14.02
N ILE A 180 -2.06 2.03 14.54
CA ILE A 180 -2.90 2.69 15.52
C ILE A 180 -2.31 2.54 16.91
N PHE A 181 -1.69 1.40 17.21
CA PHE A 181 -0.98 1.26 18.52
C PHE A 181 0.01 2.39 18.71
N SER A 182 0.71 2.79 17.66
CA SER A 182 1.70 3.85 17.80
C SER A 182 1.07 5.17 18.24
N LYS A 183 -0.17 5.41 17.87
CA LYS A 183 -0.88 6.61 18.30
C LYS A 183 -1.20 6.55 19.80
N ASP A 184 -1.72 5.42 20.27
CA ASP A 184 -2.06 5.25 21.68
C ASP A 184 -0.80 5.23 22.55
N CYS A 185 0.22 4.51 22.08
CA CYS A 185 1.44 4.32 22.87
C CYS A 185 2.32 5.57 22.97
N GLY A 186 2.03 6.55 22.13
CA GLY A 186 2.78 7.79 22.15
C GLY A 186 2.67 8.58 23.44
N ASP A 187 1.63 8.34 24.22
CA ASP A 187 1.53 9.06 25.51
C ASP A 187 2.51 8.55 26.58
N LYS A 188 3.15 7.41 26.34
CA LYS A 188 4.32 6.98 27.12
C LYS A 188 5.60 7.00 26.26
N LYS A 189 5.55 7.74 25.15
CA LYS A 189 6.64 7.83 24.17
C LYS A 189 7.18 6.46 23.79
N ILE A 190 6.29 5.49 23.64
CA ILE A 190 6.66 4.14 23.22
C ILE A 190 6.38 4.04 21.73
N THR A 191 7.35 3.57 20.96
CA THR A 191 7.12 3.31 19.54
C THR A 191 6.66 1.88 19.37
N VAL A 192 5.87 1.67 18.34
CA VAL A 192 5.34 0.36 18.01
C VAL A 192 5.51 0.17 16.51
N ASN A 193 6.13 -0.94 16.14
CA ASN A 193 6.35 -1.28 14.75
C ASN A 193 6.13 -2.77 14.60
N ALA A 194 6.16 -3.26 13.37
CA ALA A 194 6.19 -4.70 13.14
C ALA A 194 7.23 -5.00 12.09
N VAL A 195 7.80 -6.20 12.16
CA VAL A 195 8.60 -6.74 11.10
C VAL A 195 7.77 -7.81 10.38
N ALA A 196 7.88 -7.86 9.05
CA ALA A 196 7.11 -8.76 8.20
C ALA A 196 8.09 -9.61 7.37
N PRO A 197 8.60 -10.70 7.96
CA PRO A 197 9.58 -11.47 7.22
C PRO A 197 8.97 -12.21 6.06
N GLY A 198 9.76 -12.44 5.01
CA GLY A 198 9.44 -13.42 4.01
C GLY A 198 9.95 -14.77 4.51
N GLY A 199 10.13 -15.70 3.60
CA GLY A 199 10.67 -17.02 3.94
C GLY A 199 12.00 -16.93 4.62
N THR A 200 12.03 -17.36 5.88
CA THR A 200 13.21 -17.28 6.72
C THR A 200 13.44 -18.71 7.23
N VAL A 201 14.66 -19.24 7.12
CA VAL A 201 14.91 -20.65 7.40
C VAL A 201 14.82 -20.92 8.91
N THR A 202 13.73 -21.57 9.32
CA THR A 202 13.43 -21.97 10.69
C THR A 202 12.60 -23.27 10.58
N ASP A 203 12.09 -23.79 11.69
CA ASP A 203 11.14 -24.91 11.65
C ASP A 203 9.91 -24.58 10.78
N MET A 204 9.41 -23.35 10.89
CA MET A 204 8.25 -22.92 10.11
C MET A 204 8.51 -22.91 8.58
N PHE A 205 9.74 -22.59 8.18
CA PHE A 205 10.09 -22.57 6.77
C PHE A 205 9.76 -23.90 6.08
N HIS A 206 9.97 -24.98 6.80
CA HIS A 206 9.64 -26.28 6.26
C HIS A 206 8.16 -26.49 6.09
N GLU A 207 7.33 -25.82 6.87
CA GLU A 207 5.87 -25.83 6.67
C GLU A 207 5.51 -25.07 5.41
N VAL A 208 6.20 -23.95 5.13
CA VAL A 208 5.76 -23.03 4.09
C VAL A 208 6.37 -23.27 2.71
N SER A 209 7.54 -23.90 2.67
CA SER A 209 8.37 -23.85 1.49
C SER A 209 7.71 -24.44 0.26
N HIS A 210 6.98 -25.53 0.42
CA HIS A 210 6.28 -26.11 -0.73
C HIS A 210 5.13 -25.24 -1.27
N HIS A 211 4.66 -24.27 -0.50
CA HIS A 211 3.64 -23.34 -1.01
C HIS A 211 4.19 -22.03 -1.53
N TYR A 212 5.31 -21.57 -1.00
CA TYR A 212 5.90 -20.29 -1.41
C TYR A 212 6.69 -20.38 -2.72
N ILE A 213 6.97 -21.59 -3.19
CA ILE A 213 7.68 -21.81 -4.44
C ILE A 213 6.64 -22.28 -5.46
N PRO A 214 6.66 -21.71 -6.68
CA PRO A 214 5.84 -22.28 -7.75
C PRO A 214 6.11 -23.78 -7.95
N ASN A 215 5.04 -24.58 -8.01
CA ASN A 215 5.15 -26.03 -8.09
C ASN A 215 6.03 -26.65 -7.01
N GLY A 216 6.02 -26.05 -5.81
CA GLY A 216 6.91 -26.47 -4.72
C GLY A 216 6.86 -27.96 -4.41
N THR A 217 5.67 -28.53 -4.57
CA THR A 217 5.43 -29.96 -4.33
C THR A 217 6.27 -30.96 -5.16
N SER A 218 6.76 -30.55 -6.32
CA SER A 218 7.58 -31.45 -7.15
C SER A 218 9.12 -31.25 -6.97
N TYR A 219 9.58 -30.70 -5.83
CA TYR A 219 11.01 -30.52 -5.54
C TYR A 219 11.40 -31.07 -4.15
N THR A 220 12.67 -31.47 -4.00
CA THR A 220 13.22 -31.84 -2.69
C THR A 220 13.24 -30.62 -1.75
N ALA A 221 13.30 -30.88 -0.45
CA ALA A 221 13.37 -29.82 0.57
C ALA A 221 14.60 -28.91 0.37
N GLU A 222 15.70 -29.50 -0.07
CA GLU A 222 16.92 -28.75 -0.31
C GLU A 222 16.77 -27.86 -1.53
N GLN A 223 16.24 -28.42 -2.61
CA GLN A 223 15.91 -27.63 -3.81
C GLN A 223 14.95 -26.45 -3.49
N ARG A 224 13.97 -26.68 -2.64
CA ARG A 224 13.02 -25.64 -2.31
C ARG A 224 13.71 -24.47 -1.61
N GLN A 225 14.64 -24.80 -0.70
CA GLN A 225 15.39 -23.79 -0.01
C GLN A 225 16.24 -22.99 -1.01
N GLN A 226 16.84 -23.70 -1.96
CA GLN A 226 17.61 -23.05 -3.02
C GLN A 226 16.72 -22.15 -3.87
N MET A 227 15.54 -22.63 -4.23
CA MET A 227 14.61 -21.81 -5.02
C MET A 227 14.12 -20.60 -4.24
N ALA A 228 13.90 -20.77 -2.94
CA ALA A 228 13.54 -19.65 -2.10
C ALA A 228 14.67 -18.62 -2.09
N ALA A 229 15.91 -19.11 -2.12
CA ALA A 229 17.08 -18.24 -2.18
C ALA A 229 17.05 -17.39 -3.46
N HIS A 230 16.67 -18.00 -4.59
CA HIS A 230 16.63 -17.29 -5.86
C HIS A 230 15.44 -16.34 -6.00
N ALA A 231 14.53 -16.33 -5.04
CA ALA A 231 13.44 -15.36 -5.06
C ALA A 231 13.95 -13.97 -4.65
N SER A 232 15.02 -13.92 -3.86
CA SER A 232 15.65 -12.65 -3.54
C SER A 232 16.64 -12.35 -4.66
N PRO A 233 16.71 -11.08 -5.08
CA PRO A 233 17.77 -10.70 -6.01
C PRO A 233 19.18 -10.86 -5.45
N LEU A 234 19.30 -11.05 -4.14
CA LEU A 234 20.61 -11.30 -3.53
C LEU A 234 20.97 -12.79 -3.56
N HIS A 235 20.04 -13.62 -4.01
CA HIS A 235 20.29 -15.06 -4.22
C HIS A 235 20.77 -15.76 -2.96
N ARG A 236 20.06 -15.52 -1.87
CA ARG A 236 20.30 -16.24 -0.63
C ARG A 236 19.01 -16.29 0.15
N ASN A 237 18.95 -17.17 1.13
CA ASN A 237 17.77 -17.27 1.96
C ASN A 237 17.79 -16.21 3.01
N GLY A 238 16.63 -15.91 3.54
CA GLY A 238 16.51 -15.15 4.79
C GLY A 238 16.81 -16.06 5.96
N TRP A 239 17.51 -15.52 6.96
CA TRP A 239 17.82 -16.22 8.19
C TRP A 239 17.28 -15.48 9.38
N PRO A 240 17.11 -16.18 10.50
CA PRO A 240 16.63 -15.47 11.70
C PRO A 240 17.48 -14.25 12.08
N GLN A 241 18.80 -14.31 11.90
CA GLN A 241 19.65 -13.17 12.18
C GLN A 241 19.27 -11.93 11.36
N ASP A 242 18.77 -12.12 10.15
CA ASP A 242 18.34 -10.99 9.29
C ASP A 242 17.24 -10.21 9.97
N VAL A 243 16.30 -10.93 10.56
CA VAL A 243 15.21 -10.32 11.27
C VAL A 243 15.71 -9.71 12.56
N ALA A 244 16.55 -10.45 13.27
CA ALA A 244 17.11 -9.97 14.53
C ALA A 244 17.83 -8.62 14.33
N ASN A 245 18.55 -8.47 13.22
CA ASN A 245 19.31 -7.25 12.94
C ASN A 245 18.39 -6.03 12.85
N VAL A 246 17.22 -6.23 12.25
CA VAL A 246 16.27 -5.17 12.07
C VAL A 246 15.52 -4.87 13.34
N VAL A 247 15.08 -5.89 14.08
CA VAL A 247 14.45 -5.66 15.39
C VAL A 247 15.38 -4.85 16.28
N GLY A 248 16.65 -5.26 16.37
CA GLY A 248 17.66 -4.56 17.17
C GLY A 248 17.76 -3.09 16.86
N PHE A 249 17.74 -2.74 15.57
CA PHE A 249 17.73 -1.34 15.20
C PHE A 249 16.42 -0.65 15.62
N LEU A 250 15.27 -1.29 15.39
CA LEU A 250 14.00 -0.66 15.72
C LEU A 250 13.87 -0.36 17.23
N VAL A 251 14.42 -1.26 18.06
CA VAL A 251 14.31 -1.12 19.50
C VAL A 251 15.42 -0.25 20.11
N SER A 252 16.36 0.19 19.29
CA SER A 252 17.40 1.09 19.75
C SER A 252 16.89 2.53 19.80
N LYS A 253 17.66 3.37 20.46
CA LYS A 253 17.39 4.79 20.47
C LYS A 253 17.32 5.34 19.02
N GLU A 254 18.24 4.89 18.18
CA GLU A 254 18.35 5.36 16.80
C GLU A 254 17.17 4.99 15.91
N GLY A 255 16.39 3.99 16.29
CA GLY A 255 15.20 3.61 15.53
C GLY A 255 13.94 4.42 15.79
N GLU A 256 14.03 5.42 16.67
CA GLU A 256 12.84 6.07 17.22
C GLU A 256 11.87 6.58 16.15
N TRP A 257 12.40 7.13 15.08
CA TRP A 257 11.54 7.80 14.11
C TRP A 257 10.85 6.85 13.20
N VAL A 258 11.22 5.58 13.25
CA VAL A 258 10.43 4.52 12.66
C VAL A 258 9.38 4.17 13.70
N ASN A 259 8.13 4.52 13.42
CA ASN A 259 7.06 4.34 14.39
C ASN A 259 5.76 4.15 13.64
N GLY A 260 5.01 3.14 14.02
CA GLY A 260 3.76 2.81 13.36
C GLY A 260 3.92 2.12 12.01
N LYS A 261 5.09 1.54 11.75
CA LYS A 261 5.40 0.98 10.44
C LYS A 261 5.56 -0.53 10.45
N VAL A 262 5.30 -1.14 9.29
CA VAL A 262 5.57 -2.55 9.08
C VAL A 262 6.70 -2.67 8.04
N LEU A 263 7.81 -3.25 8.44
CA LEU A 263 8.95 -3.39 7.56
C LEU A 263 8.99 -4.81 7.02
N THR A 264 8.78 -4.95 5.72
CA THR A 264 8.90 -6.24 5.10
C THR A 264 10.38 -6.59 4.92
N LEU A 265 10.75 -7.74 5.45
CA LEU A 265 12.12 -8.25 5.42
C LEU A 265 12.19 -9.53 4.59
N ASP A 266 12.41 -9.35 3.30
CA ASP A 266 12.39 -10.46 2.33
C ASP A 266 13.56 -10.41 1.36
N GLY A 267 14.56 -9.60 1.69
CA GLY A 267 15.75 -9.45 0.85
C GLY A 267 15.50 -8.96 -0.54
N GLY A 268 14.38 -8.27 -0.74
CA GLY A 268 14.04 -7.71 -2.03
C GLY A 268 13.21 -8.61 -2.93
N ALA A 269 12.63 -9.66 -2.38
CA ALA A 269 11.78 -10.58 -3.15
C ALA A 269 10.51 -9.84 -3.67
N ALA A 270 9.86 -9.07 -2.79
CA ALA A 270 8.63 -8.28 -3.11
C ALA A 270 8.92 -7.18 -4.12
N TYR B 11 -30.90 -8.66 -21.96
CA TYR B 11 -29.80 -8.65 -20.96
C TYR B 11 -28.97 -7.34 -21.00
N ILE B 12 -29.29 -6.46 -20.08
CA ILE B 12 -28.69 -5.13 -20.06
C ILE B 12 -27.34 -5.22 -19.32
N PRO B 13 -26.37 -4.41 -19.74
CA PRO B 13 -25.07 -4.42 -19.06
C PRO B 13 -25.12 -3.80 -17.64
N GLY B 14 -24.43 -4.45 -16.71
CA GLY B 14 -24.44 -4.13 -15.29
C GLY B 14 -25.65 -4.63 -14.52
N ARG B 15 -26.61 -5.22 -15.23
CA ARG B 15 -27.80 -5.73 -14.59
C ARG B 15 -27.54 -7.16 -14.10
N LEU B 16 -28.43 -7.64 -13.25
CA LEU B 16 -28.30 -8.91 -12.55
C LEU B 16 -29.56 -9.79 -12.70
N ASP B 17 -30.30 -9.62 -13.78
CA ASP B 17 -31.52 -10.36 -13.99
C ASP B 17 -31.23 -11.86 -13.97
N GLY B 18 -32.07 -12.61 -13.27
CA GLY B 18 -31.88 -14.05 -13.11
C GLY B 18 -30.91 -14.45 -12.03
N LYS B 19 -30.21 -13.49 -11.41
CA LYS B 19 -29.23 -13.80 -10.37
C LYS B 19 -29.88 -13.74 -9.00
N VAL B 20 -29.22 -14.39 -8.05
CA VAL B 20 -29.66 -14.41 -6.67
C VAL B 20 -28.51 -13.93 -5.83
N ALA B 21 -28.78 -12.94 -4.99
CA ALA B 21 -27.76 -12.33 -4.13
C ALA B 21 -28.18 -12.49 -2.68
N LEU B 22 -27.19 -12.57 -1.80
CA LEU B 22 -27.40 -12.57 -0.37
C LEU B 22 -26.58 -11.45 0.22
N VAL B 23 -27.17 -10.65 1.10
CA VAL B 23 -26.44 -9.58 1.79
C VAL B 23 -26.60 -9.74 3.31
N THR B 24 -25.49 -9.88 4.02
CA THR B 24 -25.56 -9.99 5.49
C THR B 24 -25.78 -8.60 6.09
N GLY B 25 -26.57 -8.54 7.16
CA GLY B 25 -26.85 -7.27 7.84
C GLY B 25 -27.52 -6.26 6.94
N SER B 26 -28.52 -6.71 6.19
CA SER B 26 -29.15 -5.85 5.20
C SER B 26 -30.51 -5.33 5.61
N GLY B 27 -30.88 -5.49 6.88
CA GLY B 27 -32.09 -4.87 7.41
C GLY B 27 -31.99 -3.36 7.52
N ARG B 28 -30.76 -2.84 7.68
CA ARG B 28 -30.55 -1.39 7.78
C ARG B 28 -29.14 -1.00 7.40
N GLY B 29 -28.92 0.32 7.30
CA GLY B 29 -27.61 0.86 7.01
C GLY B 29 -27.12 0.55 5.59
N ILE B 30 -25.81 0.34 5.47
CA ILE B 30 -25.18 0.10 4.18
C ILE B 30 -25.77 -1.16 3.55
N GLY B 31 -25.95 -2.18 4.36
CA GLY B 31 -26.48 -3.43 3.87
C GLY B 31 -27.85 -3.27 3.24
N ALA B 32 -28.68 -2.43 3.85
CA ALA B 32 -30.02 -2.19 3.33
C ALA B 32 -29.97 -1.55 1.94
N ALA B 33 -29.10 -0.55 1.79
CA ALA B 33 -28.91 0.07 0.47
C ALA B 33 -28.42 -0.94 -0.56
N VAL B 34 -27.47 -1.78 -0.17
CA VAL B 34 -26.90 -2.75 -1.08
C VAL B 34 -27.98 -3.73 -1.52
N ALA B 35 -28.75 -4.22 -0.55
CA ALA B 35 -29.85 -5.15 -0.86
C ALA B 35 -30.88 -4.55 -1.84
N VAL B 36 -31.37 -3.35 -1.56
CA VAL B 36 -32.35 -2.70 -2.43
C VAL B 36 -31.76 -2.48 -3.81
N HIS B 37 -30.48 -2.07 -3.85
CA HIS B 37 -29.82 -1.83 -5.12
C HIS B 37 -29.64 -3.08 -5.95
N LEU B 38 -29.21 -4.16 -5.32
CA LEU B 38 -29.08 -5.43 -6.06
C LEU B 38 -30.45 -5.85 -6.62
N GLY B 39 -31.50 -5.66 -5.84
CA GLY B 39 -32.85 -5.89 -6.31
C GLY B 39 -33.21 -4.98 -7.47
N ARG B 40 -32.83 -3.70 -7.36
CA ARG B 40 -33.08 -2.76 -8.45
C ARG B 40 -32.40 -3.22 -9.74
N LEU B 41 -31.24 -3.86 -9.62
CA LEU B 41 -30.51 -4.35 -10.78
C LEU B 41 -31.08 -5.66 -11.31
N GLY B 42 -32.07 -6.22 -10.62
CA GLY B 42 -32.81 -7.36 -11.09
C GLY B 42 -32.51 -8.65 -10.38
N ALA B 43 -31.65 -8.61 -9.37
CA ALA B 43 -31.37 -9.80 -8.59
C ALA B 43 -32.53 -10.10 -7.64
N LYS B 44 -32.75 -11.39 -7.38
CA LYS B 44 -33.54 -11.78 -6.24
C LYS B 44 -32.61 -11.70 -5.01
N VAL B 45 -33.15 -11.28 -3.86
CA VAL B 45 -32.25 -10.96 -2.72
C VAL B 45 -32.61 -11.64 -1.41
N VAL B 46 -31.63 -12.25 -0.77
CA VAL B 46 -31.78 -12.74 0.58
C VAL B 46 -31.29 -11.66 1.53
N VAL B 47 -32.22 -11.14 2.33
CA VAL B 47 -31.97 -10.07 3.29
C VAL B 47 -31.71 -10.66 4.67
N ASN B 48 -30.45 -10.79 5.05
CA ASN B 48 -30.10 -11.34 6.34
C ASN B 48 -30.13 -10.25 7.38
N TYR B 49 -30.61 -10.59 8.57
CA TYR B 49 -30.55 -9.70 9.72
C TYR B 49 -30.28 -10.54 10.93
N ALA B 50 -29.91 -9.88 12.02
CA ALA B 50 -29.72 -10.57 13.30
C ALA B 50 -30.74 -10.10 14.34
N ASN B 51 -31.05 -8.81 14.36
CA ASN B 51 -31.99 -8.22 15.34
C ASN B 51 -33.12 -7.37 14.73
N SER B 52 -32.85 -6.72 13.60
CA SER B 52 -33.76 -5.75 13.02
C SER B 52 -34.82 -6.43 12.15
N THR B 53 -35.72 -7.18 12.78
CA THR B 53 -36.73 -7.93 12.04
C THR B 53 -37.64 -7.06 11.19
N LYS B 54 -38.16 -5.98 11.77
CA LYS B 54 -39.10 -5.09 11.06
C LYS B 54 -38.44 -4.37 9.91
N ASP B 55 -37.21 -3.89 10.13
CA ASP B 55 -36.44 -3.24 9.07
C ASP B 55 -36.16 -4.20 7.93
N ALA B 56 -35.80 -5.45 8.25
CA ALA B 56 -35.54 -6.44 7.20
C ALA B 56 -36.81 -6.70 6.36
N GLU B 57 -37.97 -6.75 7.02
CA GLU B 57 -39.24 -6.84 6.31
C GLU B 57 -39.47 -5.65 5.40
N LYS B 58 -39.12 -4.46 5.85
CA LYS B 58 -39.27 -3.24 5.02
C LYS B 58 -38.41 -3.31 3.77
N VAL B 59 -37.18 -3.76 3.91
CA VAL B 59 -36.28 -3.92 2.76
C VAL B 59 -36.83 -4.95 1.78
N VAL B 60 -37.29 -6.09 2.30
CA VAL B 60 -37.93 -7.13 1.49
C VAL B 60 -39.12 -6.52 0.73
N SER B 61 -39.98 -5.83 1.44
CA SER B 61 -41.15 -5.19 0.81
C SER B 61 -40.76 -4.21 -0.28
N GLU B 62 -39.69 -3.45 -0.04
CA GLU B 62 -39.20 -2.51 -1.03
C GLU B 62 -38.66 -3.22 -2.29
N ILE B 63 -37.94 -4.32 -2.10
CA ILE B 63 -37.41 -5.07 -3.23
C ILE B 63 -38.55 -5.66 -4.06
N LYS B 64 -39.59 -6.16 -3.39
CA LYS B 64 -40.76 -6.67 -4.10
C LYS B 64 -41.50 -5.56 -4.83
N ALA B 65 -41.56 -4.38 -4.21
CA ALA B 65 -42.28 -3.25 -4.79
C ALA B 65 -41.58 -2.78 -6.08
N LEU B 66 -40.26 -2.82 -6.13
CA LEU B 66 -39.57 -2.45 -7.37
C LEU B 66 -39.51 -3.60 -8.43
N GLY B 67 -40.15 -4.73 -8.14
CA GLY B 67 -40.41 -5.74 -9.16
C GLY B 67 -39.49 -6.96 -9.10
N SER B 68 -38.74 -7.11 -8.03
CA SER B 68 -37.94 -8.32 -7.87
C SER B 68 -38.53 -9.15 -6.75
N ASP B 69 -37.80 -10.14 -6.26
CA ASP B 69 -38.26 -10.94 -5.14
C ASP B 69 -37.20 -10.94 -4.05
N ALA B 70 -37.62 -11.11 -2.81
CA ALA B 70 -36.71 -11.15 -1.68
C ALA B 70 -37.32 -11.93 -0.50
N ILE B 71 -36.44 -12.39 0.39
CA ILE B 71 -36.83 -13.05 1.62
C ILE B 71 -35.89 -12.57 2.70
N ALA B 72 -36.43 -12.37 3.91
CA ALA B 72 -35.61 -12.06 5.07
C ALA B 72 -35.28 -13.36 5.79
N ILE B 73 -34.01 -13.56 6.14
CA ILE B 73 -33.58 -14.74 6.90
C ILE B 73 -32.71 -14.31 8.09
N LYS B 74 -33.15 -14.64 9.31
CA LYS B 74 -32.39 -14.36 10.51
C LYS B 74 -31.20 -15.29 10.66
N ALA B 75 -30.03 -14.73 10.92
CA ALA B 75 -28.88 -15.51 11.28
C ALA B 75 -27.90 -14.61 12.01
N ASP B 76 -27.42 -15.07 13.16
CA ASP B 76 -26.38 -14.38 13.90
C ASP B 76 -25.03 -14.79 13.28
N ILE B 77 -24.40 -13.85 12.58
CA ILE B 77 -23.20 -14.13 11.79
C ILE B 77 -21.99 -14.43 12.69
N ARG B 78 -22.10 -14.19 14.00
CA ARG B 78 -21.09 -14.69 14.94
C ARG B 78 -21.09 -16.21 15.10
N GLN B 79 -22.21 -16.85 14.80
CA GLN B 79 -22.34 -18.30 14.98
C GLN B 79 -22.16 -18.98 13.62
N VAL B 80 -21.06 -19.70 13.46
CA VAL B 80 -20.77 -20.35 12.20
C VAL B 80 -21.87 -21.34 11.79
N PRO B 81 -22.40 -22.13 12.73
CA PRO B 81 -23.49 -23.02 12.31
C PRO B 81 -24.71 -22.23 11.77
N GLU B 82 -24.92 -21.00 12.28
CA GLU B 82 -26.01 -20.18 11.75
C GLU B 82 -25.71 -19.60 10.37
N ILE B 83 -24.43 -19.38 10.07
CA ILE B 83 -24.01 -18.99 8.73
C ILE B 83 -24.31 -20.11 7.73
N VAL B 84 -23.91 -21.33 8.07
CA VAL B 84 -24.16 -22.49 7.24
C VAL B 84 -25.66 -22.59 6.96
N LYS B 85 -26.47 -22.48 8.01
CA LYS B 85 -27.92 -22.58 7.89
C LYS B 85 -28.51 -21.46 7.05
N LEU B 86 -27.97 -20.25 7.21
CA LEU B 86 -28.41 -19.12 6.40
C LEU B 86 -28.27 -19.42 4.91
N PHE B 87 -27.09 -19.90 4.52
CA PHE B 87 -26.82 -20.22 3.13
C PHE B 87 -27.66 -21.39 2.66
N ASP B 88 -27.79 -22.42 3.49
CA ASP B 88 -28.68 -23.55 3.17
C ASP B 88 -30.12 -23.06 2.93
N GLN B 89 -30.62 -22.17 3.79
CA GLN B 89 -31.98 -21.62 3.65
C GLN B 89 -32.12 -20.73 2.43
N ALA B 90 -31.07 -20.00 2.12
CA ALA B 90 -31.03 -19.16 0.93
C ALA B 90 -31.22 -19.99 -0.32
N VAL B 91 -30.43 -21.05 -0.45
CA VAL B 91 -30.46 -21.93 -1.61
C VAL B 91 -31.77 -22.72 -1.66
N ALA B 92 -32.27 -23.15 -0.51
CA ALA B 92 -33.54 -23.87 -0.42
C ALA B 92 -34.70 -23.00 -0.96
N HIS B 93 -34.63 -21.70 -0.71
CA HIS B 93 -35.70 -20.80 -1.13
C HIS B 93 -35.62 -20.45 -2.59
N PHE B 94 -34.45 -20.00 -3.07
CA PHE B 94 -34.31 -19.54 -4.45
C PHE B 94 -33.69 -20.54 -5.43
N GLY B 95 -33.22 -21.68 -4.93
CA GLY B 95 -32.68 -22.72 -5.81
C GLY B 95 -31.18 -22.65 -6.00
N HIS B 96 -30.62 -21.44 -6.04
CA HIS B 96 -29.19 -21.26 -6.21
C HIS B 96 -28.78 -19.89 -5.70
N LEU B 97 -27.47 -19.66 -5.63
CA LEU B 97 -26.92 -18.39 -5.15
C LEU B 97 -25.71 -17.99 -6.00
N ASP B 98 -25.71 -16.74 -6.44
CA ASP B 98 -24.68 -16.20 -7.35
C ASP B 98 -23.79 -15.15 -6.72
N ILE B 99 -24.34 -14.39 -5.77
CA ILE B 99 -23.69 -13.22 -5.22
C ILE B 99 -23.82 -13.23 -3.71
N ALA B 100 -22.70 -13.08 -2.99
CA ALA B 100 -22.71 -12.96 -1.53
C ALA B 100 -22.00 -11.70 -1.15
N VAL B 101 -22.70 -10.81 -0.44
CA VAL B 101 -22.11 -9.59 0.08
C VAL B 101 -22.12 -9.65 1.61
N SER B 102 -20.92 -9.65 2.17
CA SER B 102 -20.74 -9.73 3.60
C SER B 102 -20.56 -8.29 4.10
N ASN B 103 -21.55 -7.80 4.85
CA ASN B 103 -21.65 -6.40 5.27
C ASN B 103 -21.73 -6.22 6.80
N SER B 104 -22.19 -7.24 7.50
CA SER B 104 -22.42 -7.13 8.94
C SER B 104 -21.13 -6.74 9.68
N GLY B 105 -21.24 -5.81 10.61
CA GLY B 105 -20.08 -5.39 11.39
C GLY B 105 -20.47 -4.46 12.53
N VAL B 106 -19.58 -4.39 13.53
CA VAL B 106 -19.74 -3.48 14.67
C VAL B 106 -18.45 -2.64 14.82
N VAL B 107 -18.60 -1.45 15.36
CA VAL B 107 -17.49 -0.53 15.56
C VAL B 107 -17.13 -0.55 17.05
N SER B 108 -15.94 -0.07 17.38
CA SER B 108 -15.45 -0.06 18.73
C SER B 108 -14.37 0.97 18.84
N PHE B 109 -14.29 1.60 20.00
CA PHE B 109 -13.25 2.53 20.35
C PHE B 109 -12.72 2.23 21.71
N GLY B 110 -11.42 2.45 21.88
CA GLY B 110 -10.81 2.33 23.17
C GLY B 110 -9.31 2.38 22.98
N HIS B 111 -8.65 3.07 23.88
CA HIS B 111 -7.20 3.00 23.99
C HIS B 111 -6.77 1.55 24.18
N LEU B 112 -5.71 1.16 23.49
CA LEU B 112 -5.09 -0.16 23.68
C LEU B 112 -5.07 -0.63 25.14
N LYS B 113 -4.63 0.22 26.05
CA LYS B 113 -4.45 -0.21 27.43
C LYS B 113 -5.70 -0.76 28.09
N ASP B 114 -6.88 -0.39 27.60
CA ASP B 114 -8.14 -0.81 28.24
C ASP B 114 -9.01 -1.73 27.41
N VAL B 115 -8.52 -2.16 26.26
CA VAL B 115 -9.28 -3.13 25.49
C VAL B 115 -9.26 -4.46 26.24
N THR B 116 -10.45 -4.99 26.50
CA THR B 116 -10.61 -6.23 27.22
C THR B 116 -10.72 -7.39 26.23
N GLU B 117 -10.53 -8.61 26.72
CA GLU B 117 -10.75 -9.83 25.92
C GLU B 117 -12.14 -9.85 25.33
N GLU B 118 -13.13 -9.51 26.14
CA GLU B 118 -14.51 -9.60 25.73
C GLU B 118 -14.79 -8.63 24.59
N GLU B 119 -14.21 -7.43 24.64
CA GLU B 119 -14.40 -6.48 23.56
C GLU B 119 -13.66 -6.96 22.30
N PHE B 120 -12.44 -7.47 22.45
CA PHE B 120 -11.75 -8.07 21.32
C PHE B 120 -12.62 -9.12 20.64
N ASP B 121 -13.18 -10.04 21.41
CA ASP B 121 -13.97 -11.11 20.84
C ASP B 121 -15.30 -10.62 20.23
N ARG B 122 -15.94 -9.63 20.86
CA ARG B 122 -17.17 -9.06 20.31
C ARG B 122 -16.93 -8.51 18.90
N VAL B 123 -15.82 -7.82 18.71
CA VAL B 123 -15.55 -7.20 17.41
C VAL B 123 -15.05 -8.22 16.40
N PHE B 124 -14.05 -9.02 16.76
CA PHE B 124 -13.45 -9.96 15.80
C PHE B 124 -14.38 -11.09 15.41
N SER B 125 -15.21 -11.54 16.33
CA SER B 125 -16.10 -12.64 16.04
C SER B 125 -17.04 -12.27 14.89
N LEU B 126 -17.43 -11.00 14.78
CA LEU B 126 -18.31 -10.57 13.70
C LEU B 126 -17.53 -10.04 12.50
N ASN B 127 -16.63 -9.08 12.74
CA ASN B 127 -16.01 -8.34 11.65
C ASN B 127 -15.02 -9.17 10.84
N THR B 128 -14.44 -10.18 11.47
CA THR B 128 -13.32 -10.89 10.87
C THR B 128 -13.64 -12.37 10.74
N ARG B 129 -13.91 -13.00 11.86
CA ARG B 129 -14.26 -14.41 11.88
C ARG B 129 -15.55 -14.62 11.10
N GLY B 130 -16.55 -13.79 11.36
CA GLY B 130 -17.83 -13.92 10.72
C GLY B 130 -17.72 -13.76 9.22
N GLN B 131 -17.05 -12.70 8.79
CA GLN B 131 -16.87 -12.47 7.35
C GLN B 131 -16.08 -13.60 6.70
N PHE B 132 -15.13 -14.18 7.44
CA PHE B 132 -14.35 -15.25 6.88
C PHE B 132 -15.24 -16.45 6.57
N PHE B 133 -16.13 -16.79 7.49
CA PHE B 133 -16.96 -17.96 7.28
C PHE B 133 -18.14 -17.67 6.39
N VAL B 134 -18.56 -16.40 6.28
CA VAL B 134 -19.53 -16.01 5.26
C VAL B 134 -18.90 -16.29 3.89
N ALA B 135 -17.63 -15.91 3.73
CA ALA B 135 -16.91 -16.23 2.50
C ALA B 135 -16.80 -17.73 2.25
N ARG B 136 -16.45 -18.50 3.29
CA ARG B 136 -16.32 -19.92 3.10
C ARG B 136 -17.63 -20.51 2.59
N GLU B 137 -18.71 -20.16 3.26
CA GLU B 137 -20.00 -20.73 2.91
C GLU B 137 -20.43 -20.24 1.55
N ALA B 138 -20.12 -18.99 1.24
CA ALA B 138 -20.38 -18.43 -0.08
C ALA B 138 -19.68 -19.27 -1.14
N TYR B 139 -18.40 -19.52 -0.96
CA TYR B 139 -17.67 -20.34 -1.94
C TYR B 139 -18.34 -21.68 -2.15
N ARG B 140 -18.74 -22.32 -1.05
CA ARG B 140 -19.31 -23.67 -1.14
C ARG B 140 -20.66 -23.65 -1.86
N HIS B 141 -21.43 -22.58 -1.69
CA HIS B 141 -22.81 -22.56 -2.19
C HIS B 141 -22.97 -21.86 -3.52
N LEU B 142 -22.01 -21.02 -3.93
CA LEU B 142 -22.16 -20.23 -5.14
C LEU B 142 -22.01 -21.01 -6.44
N THR B 143 -22.75 -20.58 -7.44
CA THR B 143 -22.63 -21.10 -8.79
C THR B 143 -21.35 -20.57 -9.44
N GLU B 144 -20.80 -21.32 -10.37
CA GLU B 144 -19.64 -20.91 -11.16
C GLU B 144 -19.84 -19.49 -11.70
N GLY B 145 -18.82 -18.66 -11.63
CA GLY B 145 -18.93 -17.30 -12.16
C GLY B 145 -19.54 -16.31 -11.18
N GLY B 146 -19.69 -16.73 -9.92
CA GLY B 146 -20.27 -15.89 -8.89
C GLY B 146 -19.36 -14.80 -8.37
N ARG B 147 -19.83 -14.14 -7.31
CA ARG B 147 -19.21 -12.94 -6.78
C ARG B 147 -19.30 -12.92 -5.27
N ILE B 148 -18.18 -12.62 -4.61
CA ILE B 148 -18.15 -12.41 -3.16
C ILE B 148 -17.57 -11.02 -2.89
N VAL B 149 -18.26 -10.23 -2.06
CA VAL B 149 -17.75 -8.94 -1.66
C VAL B 149 -17.81 -8.86 -0.13
N LEU B 150 -16.68 -8.55 0.48
CA LEU B 150 -16.59 -8.35 1.92
C LEU B 150 -16.48 -6.87 2.25
N THR B 151 -16.67 -6.51 3.51
CA THR B 151 -16.63 -5.11 3.91
C THR B 151 -15.47 -4.85 4.84
N SER B 152 -14.65 -3.88 4.47
CA SER B 152 -13.52 -3.46 5.27
C SER B 152 -13.82 -2.04 5.72
N SER B 153 -12.81 -1.19 5.74
CA SER B 153 -12.97 0.18 6.19
C SER B 153 -11.77 0.98 5.76
N ASN B 154 -11.93 2.28 5.55
CA ASN B 154 -10.78 3.12 5.28
C ASN B 154 -9.79 3.15 6.45
N THR B 155 -10.26 2.82 7.66
CA THR B 155 -9.39 2.81 8.86
C THR B 155 -8.39 1.65 8.91
N SER B 156 -8.58 0.64 8.08
CA SER B 156 -7.68 -0.49 8.07
C SER B 156 -6.30 -0.08 7.55
N LYS B 157 -6.28 0.76 6.52
CA LYS B 157 -5.03 1.17 5.88
C LYS B 157 -4.89 2.68 5.72
N ASP B 158 -5.94 3.36 5.27
CA ASP B 158 -5.81 4.74 4.76
C ASP B 158 -6.00 5.86 5.78
N PHE B 159 -6.61 5.57 6.90
CA PHE B 159 -7.05 6.60 7.83
C PHE B 159 -6.71 6.13 9.23
N SER B 160 -5.97 6.94 10.00
CA SER B 160 -5.47 6.51 11.28
C SER B 160 -6.11 7.31 12.39
N VAL B 161 -6.89 6.63 13.22
CA VAL B 161 -7.63 7.28 14.27
C VAL B 161 -7.15 6.76 15.61
N PRO B 162 -6.77 7.66 16.54
CA PRO B 162 -6.45 7.20 17.88
C PRO B 162 -7.58 6.37 18.50
N LYS B 163 -7.20 5.42 19.35
CA LYS B 163 -8.13 4.58 20.10
C LYS B 163 -9.03 3.73 19.21
N HIS B 164 -8.54 3.37 18.04
CA HIS B 164 -9.35 2.65 17.07
C HIS B 164 -8.64 1.41 16.60
N SER B 165 -7.77 0.87 17.43
CA SER B 165 -6.88 -0.20 16.97
C SER B 165 -7.59 -1.52 16.73
N LEU B 166 -8.51 -1.86 17.62
CA LEU B 166 -9.27 -3.11 17.50
C LEU B 166 -10.06 -3.20 16.20
N TYR B 167 -10.83 -2.17 15.95
CA TYR B 167 -11.63 -2.12 14.74
C TYR B 167 -10.76 -2.08 13.50
N SER B 168 -9.74 -1.24 13.53
CA SER B 168 -8.90 -1.05 12.36
C SER B 168 -8.26 -2.39 11.97
N GLY B 169 -7.81 -3.11 12.97
CA GLY B 169 -7.25 -4.45 12.77
C GLY B 169 -8.24 -5.46 12.27
N SER B 170 -9.48 -5.35 12.73
CA SER B 170 -10.48 -6.31 12.36
C SER B 170 -10.71 -6.25 10.86
N LYS B 171 -10.59 -5.05 10.32
CA LYS B 171 -10.81 -4.83 8.92
C LYS B 171 -9.52 -4.99 8.09
N GLY B 172 -8.36 -4.79 8.70
CA GLY B 172 -7.08 -5.11 8.07
C GLY B 172 -6.99 -6.59 7.71
N ALA B 173 -7.50 -7.45 8.58
CA ALA B 173 -7.52 -8.88 8.27
C ALA B 173 -8.34 -9.15 7.02
N VAL B 174 -9.50 -8.53 6.92
CA VAL B 174 -10.38 -8.69 5.76
C VAL B 174 -9.71 -8.29 4.45
N ASP B 175 -9.01 -7.17 4.45
CA ASP B 175 -8.17 -6.78 3.31
C ASP B 175 -7.26 -7.88 2.83
N SER B 176 -6.54 -8.50 3.76
CA SER B 176 -5.65 -9.59 3.39
C SER B 176 -6.46 -10.79 2.90
N PHE B 177 -7.58 -11.07 3.55
CA PHE B 177 -8.39 -12.24 3.15
C PHE B 177 -8.74 -12.20 1.68
N VAL B 178 -9.24 -11.05 1.20
CA VAL B 178 -9.89 -11.03 -0.10
C VAL B 178 -8.88 -11.28 -1.19
N ARG B 179 -7.66 -10.78 -1.00
CA ARG B 179 -6.59 -11.01 -1.95
C ARG B 179 -6.31 -12.49 -2.14
N ILE B 180 -6.27 -13.25 -1.05
CA ILE B 180 -5.96 -14.67 -1.12
C ILE B 180 -7.23 -15.47 -1.46
N PHE B 181 -8.38 -15.05 -0.95
CA PHE B 181 -9.63 -15.68 -1.34
C PHE B 181 -9.76 -15.73 -2.86
N SER B 182 -9.35 -14.66 -3.55
CA SER B 182 -9.53 -14.61 -4.99
C SER B 182 -8.74 -15.71 -5.67
N LYS B 183 -7.62 -16.11 -5.08
CA LYS B 183 -6.83 -17.20 -5.63
C LYS B 183 -7.54 -18.55 -5.46
N ASP B 184 -8.07 -18.82 -4.29
CA ASP B 184 -8.80 -20.06 -4.05
C ASP B 184 -10.11 -20.11 -4.84
N CYS B 185 -10.84 -18.99 -4.86
CA CYS B 185 -12.16 -18.95 -5.46
C CYS B 185 -12.12 -18.98 -6.99
N GLY B 186 -10.96 -18.77 -7.56
CA GLY B 186 -10.79 -18.83 -8.99
C GLY B 186 -11.09 -20.18 -9.61
N ASP B 187 -11.03 -21.26 -8.84
CA ASP B 187 -11.35 -22.55 -9.43
C ASP B 187 -12.85 -22.76 -9.68
N LYS B 188 -13.70 -21.89 -9.13
CA LYS B 188 -15.11 -21.81 -9.51
C LYS B 188 -15.39 -20.50 -10.27
N LYS B 189 -14.32 -19.88 -10.78
CA LYS B 189 -14.38 -18.58 -11.46
C LYS B 189 -15.17 -17.54 -10.67
N ILE B 190 -15.03 -17.56 -9.35
CA ILE B 190 -15.68 -16.60 -8.48
C ILE B 190 -14.68 -15.49 -8.15
N THR B 191 -15.07 -14.24 -8.31
CA THR B 191 -14.23 -13.12 -7.89
C THR B 191 -14.57 -12.72 -6.48
N VAL B 192 -13.57 -12.18 -5.79
CA VAL B 192 -13.70 -11.77 -4.42
C VAL B 192 -13.02 -10.44 -4.28
N ASN B 193 -13.75 -9.48 -3.74
CA ASN B 193 -13.25 -8.13 -3.51
C ASN B 193 -13.79 -7.62 -2.19
N ALA B 194 -13.32 -6.47 -1.75
CA ALA B 194 -13.90 -5.82 -0.57
C ALA B 194 -14.08 -4.35 -0.85
N VAL B 195 -15.08 -3.77 -0.22
CA VAL B 195 -15.26 -2.32 -0.23
C VAL B 195 -14.87 -1.81 1.16
N ALA B 196 -14.18 -0.67 1.19
CA ALA B 196 -13.65 -0.07 2.42
C ALA B 196 -14.21 1.34 2.50
N PRO B 197 -15.42 1.48 3.04
CA PRO B 197 -15.98 2.82 3.10
C PRO B 197 -15.30 3.68 4.13
N GLY B 198 -15.30 4.98 3.89
CA GLY B 198 -15.02 5.95 4.95
C GLY B 198 -16.33 6.25 5.65
N GLY B 199 -16.40 7.40 6.32
CA GLY B 199 -17.57 7.78 7.06
C GLY B 199 -18.78 7.84 6.13
N THR B 200 -19.77 7.01 6.43
CA THR B 200 -20.97 6.88 5.65
C THR B 200 -22.14 7.03 6.63
N VAL B 201 -23.08 7.92 6.31
CA VAL B 201 -24.12 8.30 7.27
C VAL B 201 -25.14 7.17 7.46
N THR B 202 -25.05 6.50 8.62
CA THR B 202 -25.89 5.37 9.01
C THR B 202 -26.04 5.47 10.53
N ASP B 203 -26.71 4.52 11.18
CA ASP B 203 -26.79 4.51 12.65
C ASP B 203 -25.39 4.47 13.26
N MET B 204 -24.49 3.68 12.68
CA MET B 204 -23.11 3.57 13.19
C MET B 204 -22.39 4.92 13.15
N PHE B 205 -22.63 5.69 12.09
CA PHE B 205 -21.96 6.96 11.92
C PHE B 205 -22.27 7.86 13.10
N HIS B 206 -23.56 8.03 13.35
CA HIS B 206 -24.01 8.89 14.42
C HIS B 206 -23.66 8.38 15.78
N GLU B 207 -23.55 7.07 15.93
CA GLU B 207 -23.18 6.49 17.22
C GLU B 207 -21.74 6.86 17.60
N VAL B 208 -20.85 6.95 16.62
CA VAL B 208 -19.40 7.12 16.91
C VAL B 208 -18.66 8.33 16.31
N SER B 209 -19.36 9.20 15.57
CA SER B 209 -18.70 10.35 14.92
C SER B 209 -17.86 11.20 15.91
N HIS B 210 -18.24 11.22 17.19
CA HIS B 210 -17.48 12.01 18.20
C HIS B 210 -16.07 11.50 18.46
N HIS B 211 -15.79 10.23 18.18
CA HIS B 211 -14.44 9.66 18.34
C HIS B 211 -13.53 10.04 17.23
N TYR B 212 -14.09 10.35 16.06
CA TYR B 212 -13.28 10.69 14.89
C TYR B 212 -12.82 12.13 14.89
N ILE B 213 -13.39 12.95 15.77
CA ILE B 213 -13.12 14.36 15.80
C ILE B 213 -12.49 14.78 17.15
N PRO B 214 -11.43 15.60 17.11
CA PRO B 214 -10.90 16.17 18.35
C PRO B 214 -11.99 16.95 19.09
N ASN B 215 -12.13 16.69 20.39
CA ASN B 215 -13.22 17.25 21.19
C ASN B 215 -14.62 17.03 20.59
N GLY B 216 -14.81 15.90 19.93
CA GLY B 216 -16.06 15.61 19.20
C GLY B 216 -17.31 15.80 20.03
N THR B 217 -17.20 15.51 21.32
CA THR B 217 -18.30 15.67 22.24
C THR B 217 -18.91 17.06 22.42
N SER B 218 -18.14 18.12 22.18
CA SER B 218 -18.65 19.47 22.34
C SER B 218 -19.14 20.09 21.03
N TYR B 219 -19.36 19.25 20.01
CA TYR B 219 -20.07 19.64 18.79
C TYR B 219 -21.36 18.86 18.75
N THR B 220 -22.37 19.47 18.16
CA THR B 220 -23.63 18.78 17.89
C THR B 220 -23.42 17.62 16.88
N ALA B 221 -24.36 16.68 16.86
CA ALA B 221 -24.34 15.58 15.94
C ALA B 221 -24.38 16.07 14.47
N GLU B 222 -25.11 17.14 14.21
CA GLU B 222 -25.21 17.71 12.87
C GLU B 222 -23.88 18.33 12.47
N GLN B 223 -23.28 19.13 13.36
CA GLN B 223 -21.92 19.64 13.13
C GLN B 223 -20.88 18.56 12.82
N ARG B 224 -20.96 17.46 13.55
CA ARG B 224 -19.99 16.40 13.36
C ARG B 224 -20.13 15.80 11.96
N GLN B 225 -21.38 15.66 11.50
CA GLN B 225 -21.66 15.14 10.15
C GLN B 225 -21.14 16.10 9.08
N GLN B 226 -21.31 17.37 9.34
CA GLN B 226 -20.84 18.38 8.44
C GLN B 226 -19.30 18.36 8.35
N MET B 227 -18.62 18.13 9.47
CA MET B 227 -17.14 18.02 9.43
C MET B 227 -16.68 16.81 8.65
N ALA B 228 -17.39 15.69 8.79
CA ALA B 228 -17.10 14.51 7.96
C ALA B 228 -17.30 14.81 6.47
N ALA B 229 -18.30 15.63 6.17
CA ALA B 229 -18.54 16.07 4.78
C ALA B 229 -17.32 16.82 4.21
N HIS B 230 -16.70 17.67 5.01
CA HIS B 230 -15.57 18.44 4.55
C HIS B 230 -14.27 17.67 4.49
N ALA B 231 -14.27 16.43 4.96
CA ALA B 231 -13.10 15.58 4.80
C ALA B 231 -12.94 15.17 3.34
N SER B 232 -14.04 15.11 2.60
CA SER B 232 -13.96 14.81 1.18
C SER B 232 -13.76 16.09 0.43
N PRO B 233 -12.91 16.06 -0.58
CA PRO B 233 -12.79 17.25 -1.45
C PRO B 233 -14.08 17.55 -2.24
N LEU B 234 -15.04 16.63 -2.25
CA LEU B 234 -16.35 16.92 -2.83
C LEU B 234 -17.31 17.59 -1.84
N HIS B 235 -16.89 17.74 -0.59
CA HIS B 235 -17.66 18.44 0.44
C HIS B 235 -19.06 17.90 0.60
N ARG B 236 -19.16 16.59 0.75
CA ARG B 236 -20.41 15.96 1.09
C ARG B 236 -20.10 14.69 1.84
N ASN B 237 -21.11 14.14 2.50
CA ASN B 237 -20.94 12.90 3.23
C ASN B 237 -21.07 11.75 2.29
N GLY B 238 -20.47 10.64 2.68
CA GLY B 238 -20.76 9.36 2.06
C GLY B 238 -22.12 8.88 2.53
N TRP B 239 -22.87 8.27 1.63
CA TRP B 239 -24.16 7.67 1.93
C TRP B 239 -24.15 6.21 1.62
N PRO B 240 -25.06 5.45 2.22
CA PRO B 240 -25.12 4.04 1.88
C PRO B 240 -25.21 3.77 0.36
N GLN B 241 -25.95 4.59 -0.38
CA GLN B 241 -26.08 4.41 -1.82
C GLN B 241 -24.72 4.47 -2.54
N ASP B 242 -23.77 5.24 -2.00
CA ASP B 242 -22.44 5.34 -2.58
C ASP B 242 -21.73 3.98 -2.56
N VAL B 243 -21.87 3.29 -1.46
CA VAL B 243 -21.30 1.95 -1.33
C VAL B 243 -22.05 0.97 -2.20
N ALA B 244 -23.38 1.06 -2.17
CA ALA B 244 -24.22 0.17 -2.97
C ALA B 244 -23.88 0.26 -4.46
N ASN B 245 -23.61 1.48 -4.95
CA ASN B 245 -23.28 1.71 -6.37
C ASN B 245 -22.06 0.88 -6.78
N VAL B 246 -21.07 0.84 -5.89
CA VAL B 246 -19.82 0.16 -6.19
C VAL B 246 -19.98 -1.34 -6.06
N VAL B 247 -20.66 -1.81 -5.02
CA VAL B 247 -20.92 -3.24 -4.91
C VAL B 247 -21.66 -3.77 -6.15
N GLY B 248 -22.68 -3.06 -6.60
CA GLY B 248 -23.43 -3.40 -7.80
C GLY B 248 -22.57 -3.58 -9.05
N PHE B 249 -21.63 -2.67 -9.25
CA PHE B 249 -20.66 -2.85 -10.34
C PHE B 249 -19.75 -4.07 -10.12
N LEU B 250 -19.24 -4.24 -8.90
CA LEU B 250 -18.30 -5.34 -8.63
C LEU B 250 -18.95 -6.72 -8.86
N VAL B 251 -20.25 -6.83 -8.55
CA VAL B 251 -20.94 -8.08 -8.68
C VAL B 251 -21.56 -8.33 -10.06
N SER B 252 -21.44 -7.33 -10.93
CA SER B 252 -21.89 -7.50 -12.29
C SER B 252 -20.86 -8.29 -13.10
N LYS B 253 -21.31 -8.73 -14.26
CA LYS B 253 -20.41 -9.34 -15.25
C LYS B 253 -19.23 -8.39 -15.57
N GLU B 254 -19.54 -7.11 -15.73
CA GLU B 254 -18.54 -6.09 -16.07
C GLU B 254 -17.46 -5.81 -15.03
N GLY B 255 -17.71 -6.18 -13.78
CA GLY B 255 -16.72 -6.01 -12.73
C GLY B 255 -15.67 -7.12 -12.66
N GLU B 256 -15.74 -8.11 -13.55
CA GLU B 256 -14.96 -9.35 -13.39
C GLU B 256 -13.46 -9.14 -13.21
N TRP B 257 -12.89 -8.18 -13.93
CA TRP B 257 -11.47 -8.02 -13.88
C TRP B 257 -10.98 -7.30 -12.66
N VAL B 258 -11.89 -6.78 -11.85
CA VAL B 258 -11.57 -6.36 -10.52
C VAL B 258 -11.71 -7.60 -9.64
N ASN B 259 -10.60 -8.09 -9.13
CA ASN B 259 -10.60 -9.33 -8.39
C ASN B 259 -9.45 -9.34 -7.41
N GLY B 260 -9.73 -9.71 -6.18
CA GLY B 260 -8.72 -9.68 -5.13
C GLY B 260 -8.39 -8.29 -4.63
N LYS B 261 -9.26 -7.31 -4.88
CA LYS B 261 -8.96 -5.90 -4.53
C LYS B 261 -9.83 -5.33 -3.42
N VAL B 262 -9.30 -4.33 -2.72
CA VAL B 262 -10.06 -3.55 -1.75
C VAL B 262 -10.19 -2.14 -2.28
N LEU B 263 -11.42 -1.71 -2.50
CA LEU B 263 -11.68 -0.36 -2.99
C LEU B 263 -12.12 0.53 -1.84
N THR B 264 -11.30 1.51 -1.51
CA THR B 264 -11.64 2.47 -0.51
C THR B 264 -12.61 3.48 -1.11
N LEU B 265 -13.74 3.64 -0.43
CA LEU B 265 -14.84 4.49 -0.86
C LEU B 265 -15.04 5.61 0.16
N ASP B 266 -14.30 6.69 -0.01
CA ASP B 266 -14.31 7.79 0.96
C ASP B 266 -14.44 9.14 0.27
N GLY B 267 -14.84 9.13 -1.00
CA GLY B 267 -14.98 10.34 -1.77
C GLY B 267 -13.74 11.19 -1.87
N GLY B 268 -12.57 10.55 -1.75
CA GLY B 268 -11.28 11.23 -1.91
C GLY B 268 -10.68 11.79 -0.64
N ALA B 269 -11.19 11.38 0.52
CA ALA B 269 -10.68 11.84 1.82
C ALA B 269 -9.23 11.42 2.05
N ALA B 270 -8.93 10.15 1.74
CA ALA B 270 -7.56 9.56 1.97
C ALA B 270 -6.36 10.29 1.35
N ILE C 12 33.44 -4.31 13.67
CA ILE C 12 32.46 -3.64 14.57
C ILE C 12 31.06 -3.48 13.91
N PRO C 13 30.00 -3.98 14.58
CA PRO C 13 28.69 -4.03 13.91
C PRO C 13 27.97 -2.66 13.74
N GLY C 14 27.38 -2.45 12.56
CA GLY C 14 26.74 -1.20 12.12
C GLY C 14 27.73 -0.14 11.66
N ARG C 15 29.02 -0.42 11.82
CA ARG C 15 30.03 0.54 11.44
C ARG C 15 30.41 0.30 9.98
N LEU C 16 31.12 1.29 9.42
CA LEU C 16 31.43 1.36 8.00
C LEU C 16 32.91 1.61 7.76
N ASP C 17 33.75 1.18 8.69
CA ASP C 17 35.17 1.40 8.56
C ASP C 17 35.69 0.77 7.25
N GLY C 18 36.51 1.53 6.54
CA GLY C 18 37.05 1.11 5.25
C GLY C 18 36.13 1.35 4.07
N LYS C 19 34.90 1.80 4.32
CA LYS C 19 33.96 2.01 3.24
C LYS C 19 34.03 3.43 2.74
N VAL C 20 33.52 3.62 1.54
CA VAL C 20 33.46 4.93 0.93
C VAL C 20 32.01 5.19 0.52
N ALA C 21 31.50 6.34 0.92
CA ALA C 21 30.12 6.72 0.67
C ALA C 21 30.08 8.03 -0.10
N LEU C 22 29.02 8.22 -0.90
CA LEU C 22 28.72 9.47 -1.58
C LEU C 22 27.31 9.90 -1.22
N VAL C 23 27.12 11.18 -0.88
CA VAL C 23 25.78 11.71 -0.59
C VAL C 23 25.51 12.96 -1.45
N THR C 24 24.47 12.90 -2.28
CA THR C 24 24.11 14.06 -3.10
C THR C 24 23.40 15.10 -2.22
N GLY C 25 23.67 16.38 -2.45
CA GLY C 25 23.05 17.47 -1.69
C GLY C 25 23.36 17.42 -0.21
N SER C 26 24.62 17.18 0.12
CA SER C 26 24.98 16.95 1.49
C SER C 26 25.66 18.14 2.13
N GLY C 27 25.61 19.29 1.48
CA GLY C 27 26.08 20.52 2.10
C GLY C 27 25.19 21.01 3.24
N ARG C 28 23.90 20.69 3.18
CA ARG C 28 22.95 21.11 4.22
C ARG C 28 21.77 20.17 4.30
N GLY C 29 20.95 20.38 5.32
CA GLY C 29 19.72 19.66 5.51
C GLY C 29 19.96 18.18 5.86
N ILE C 30 19.08 17.33 5.35
CA ILE C 30 19.13 15.93 5.65
C ILE C 30 20.43 15.33 5.11
N GLY C 31 20.83 15.75 3.93
CA GLY C 31 22.04 15.25 3.33
C GLY C 31 23.26 15.51 4.18
N ALA C 32 23.31 16.70 4.80
CA ALA C 32 24.43 17.05 5.69
C ALA C 32 24.50 16.11 6.87
N ALA C 33 23.36 15.87 7.50
CA ALA C 33 23.30 14.96 8.64
C ALA C 33 23.70 13.53 8.22
N VAL C 34 23.28 13.10 7.02
CA VAL C 34 23.61 11.76 6.55
C VAL C 34 25.13 11.65 6.34
N ALA C 35 25.71 12.65 5.69
CA ALA C 35 27.14 12.67 5.40
C ALA C 35 27.97 12.59 6.67
N VAL C 36 27.66 13.46 7.64
CA VAL C 36 28.38 13.48 8.90
C VAL C 36 28.21 12.15 9.63
N HIS C 37 27.01 11.60 9.60
CA HIS C 37 26.74 10.32 10.24
C HIS C 37 27.49 9.16 9.62
N LEU C 38 27.49 9.06 8.29
CA LEU C 38 28.26 8.01 7.63
C LEU C 38 29.75 8.14 7.98
N GLY C 39 30.26 9.37 8.04
CA GLY C 39 31.59 9.60 8.52
C GLY C 39 31.78 9.16 9.97
N ARG C 40 30.80 9.46 10.82
CA ARG C 40 30.84 9.05 12.22
C ARG C 40 30.92 7.51 12.32
N LEU C 41 30.29 6.82 11.38
CA LEU C 41 30.31 5.36 11.35
C LEU C 41 31.61 4.80 10.72
N GLY C 42 32.47 5.69 10.23
CA GLY C 42 33.79 5.34 9.80
C GLY C 42 34.01 5.39 8.29
N ALA C 43 33.00 5.77 7.54
CA ALA C 43 33.12 5.82 6.09
C ALA C 43 33.86 7.06 5.67
N LYS C 44 34.59 6.96 4.57
CA LYS C 44 35.09 8.15 3.89
C LYS C 44 33.93 8.68 3.05
N VAL C 45 33.81 10.00 2.94
CA VAL C 45 32.58 10.56 2.35
C VAL C 45 32.81 11.57 1.25
N VAL C 46 32.14 11.36 0.13
CA VAL C 46 32.08 12.38 -0.92
C VAL C 46 30.84 13.23 -0.66
N VAL C 47 31.08 14.51 -0.38
CA VAL C 47 30.04 15.47 -0.11
C VAL C 47 29.70 16.26 -1.37
N ASN C 48 28.62 15.90 -2.03
CA ASN C 48 28.20 16.64 -3.21
C ASN C 48 27.33 17.84 -2.83
N TYR C 49 27.49 18.93 -3.54
CA TYR C 49 26.62 20.10 -3.44
C TYR C 49 26.46 20.71 -4.83
N ALA C 50 25.47 21.61 -4.96
CA ALA C 50 25.27 22.35 -6.21
C ALA C 50 25.53 23.85 -6.04
N ASN C 51 25.14 24.41 -4.89
CA ASN C 51 25.27 25.84 -4.61
C ASN C 51 25.90 26.19 -3.26
N SER C 52 25.70 25.33 -2.26
CA SER C 52 26.12 25.63 -0.89
C SER C 52 27.57 25.24 -0.64
N THR C 53 28.48 26.00 -1.24
CA THR C 53 29.89 25.69 -1.15
C THR C 53 30.42 25.69 0.27
N LYS C 54 30.12 26.74 1.01
CA LYS C 54 30.64 26.93 2.38
C LYS C 54 30.10 25.87 3.33
N ASP C 55 28.82 25.57 3.20
CA ASP C 55 28.20 24.55 3.99
C ASP C 55 28.80 23.18 3.70
N ALA C 56 29.05 22.86 2.43
CA ALA C 56 29.70 21.60 2.06
C ALA C 56 31.09 21.51 2.70
N GLU C 57 31.83 22.62 2.71
CA GLU C 57 33.13 22.66 3.38
C GLU C 57 33.03 22.42 4.87
N LYS C 58 31.99 22.96 5.50
CA LYS C 58 31.76 22.71 6.94
C LYS C 58 31.50 21.23 7.23
N VAL C 59 30.70 20.59 6.38
CA VAL C 59 30.45 19.17 6.53
C VAL C 59 31.73 18.35 6.35
N VAL C 60 32.49 18.64 5.30
CA VAL C 60 33.79 17.99 5.08
C VAL C 60 34.68 18.17 6.32
N SER C 61 34.81 19.40 6.80
CA SER C 61 35.59 19.69 8.01
C SER C 61 35.10 18.89 9.23
N GLU C 62 33.79 18.79 9.40
CA GLU C 62 33.19 18.05 10.52
C GLU C 62 33.55 16.55 10.40
N ILE C 63 33.53 16.01 9.18
CA ILE C 63 33.85 14.60 8.98
C ILE C 63 35.33 14.32 9.24
N LYS C 64 36.20 15.23 8.80
CA LYS C 64 37.63 15.11 9.11
C LYS C 64 37.89 15.24 10.61
N ALA C 65 37.13 16.12 11.28
CA ALA C 65 37.32 16.35 12.71
C ALA C 65 36.99 15.10 13.51
N LEU C 66 35.95 14.39 13.12
CA LEU C 66 35.61 13.16 13.82
C LEU C 66 36.47 11.95 13.40
N GLY C 67 37.47 12.15 12.54
CA GLY C 67 38.50 11.14 12.31
C GLY C 67 38.36 10.36 11.02
N SER C 68 37.48 10.78 10.14
CA SER C 68 37.40 10.16 8.83
C SER C 68 37.95 11.11 7.76
N ASP C 69 37.71 10.83 6.49
CA ASP C 69 38.14 11.70 5.41
C ASP C 69 36.97 12.01 4.50
N ALA C 70 37.04 13.16 3.84
CA ALA C 70 35.96 13.61 2.95
C ALA C 70 36.47 14.59 1.93
N ILE C 71 35.69 14.72 0.87
CA ILE C 71 35.94 15.71 -0.16
C ILE C 71 34.59 16.25 -0.60
N ALA C 72 34.54 17.56 -0.88
CA ALA C 72 33.36 18.20 -1.45
C ALA C 72 33.52 18.27 -2.96
N ILE C 73 32.49 17.85 -3.70
CA ILE C 73 32.51 17.92 -5.16
C ILE C 73 31.22 18.55 -5.67
N LYS C 74 31.35 19.68 -6.38
CA LYS C 74 30.23 20.34 -6.99
C LYS C 74 29.72 19.57 -8.20
N ALA C 75 28.43 19.31 -8.24
CA ALA C 75 27.80 18.72 -9.41
C ALA C 75 26.32 19.03 -9.39
N ASP C 76 25.82 19.51 -10.52
CA ASP C 76 24.41 19.78 -10.66
C ASP C 76 23.73 18.46 -11.08
N ILE C 77 22.97 17.89 -10.16
CA ILE C 77 22.37 16.56 -10.35
C ILE C 77 21.28 16.59 -11.43
N ARG C 78 20.85 17.77 -11.87
CA ARG C 78 19.97 17.84 -13.05
C ARG C 78 20.68 17.44 -14.35
N GLN C 79 22.01 17.55 -14.38
CA GLN C 79 22.81 17.29 -15.56
C GLN C 79 23.42 15.90 -15.47
N VAL C 80 22.94 14.98 -16.29
CA VAL C 80 23.41 13.60 -16.24
C VAL C 80 24.90 13.49 -16.49
N PRO C 81 25.44 14.24 -17.47
CA PRO C 81 26.89 14.17 -17.60
C PRO C 81 27.64 14.62 -16.31
N GLU C 82 27.06 15.51 -15.53
CA GLU C 82 27.72 15.93 -14.29
C GLU C 82 27.62 14.86 -13.21
N ILE C 83 26.56 14.05 -13.26
CA ILE C 83 26.44 12.92 -12.35
C ILE C 83 27.55 11.91 -12.66
N VAL C 84 27.71 11.58 -13.94
CA VAL C 84 28.73 10.64 -14.39
C VAL C 84 30.08 11.14 -13.87
N LYS C 85 30.36 12.42 -14.09
CA LYS C 85 31.63 13.01 -13.66
C LYS C 85 31.81 12.95 -12.14
N LEU C 86 30.75 13.23 -11.40
CA LEU C 86 30.78 13.18 -9.94
C LEU C 86 31.26 11.79 -9.46
N PHE C 87 30.63 10.74 -10.00
CA PHE C 87 31.00 9.38 -9.63
C PHE C 87 32.38 8.98 -10.11
N ASP C 88 32.74 9.39 -11.33
CA ASP C 88 34.11 9.20 -11.80
C ASP C 88 35.14 9.84 -10.85
N GLN C 89 34.86 11.07 -10.42
CA GLN C 89 35.77 11.80 -9.54
C GLN C 89 35.81 11.11 -8.18
N ALA C 90 34.66 10.61 -7.73
CA ALA C 90 34.58 9.93 -6.45
C ALA C 90 35.51 8.71 -6.39
N VAL C 91 35.40 7.85 -7.40
CA VAL C 91 36.19 6.62 -7.49
C VAL C 91 37.67 6.92 -7.74
N ALA C 92 37.97 7.91 -8.57
CA ALA C 92 39.37 8.27 -8.81
C ALA C 92 40.03 8.77 -7.51
N HIS C 93 39.26 9.44 -6.65
CA HIS C 93 39.82 10.03 -5.44
C HIS C 93 40.03 9.02 -4.35
N PHE C 94 38.99 8.23 -4.04
CA PHE C 94 39.09 7.27 -2.94
C PHE C 94 39.42 5.84 -3.37
N GLY C 95 39.44 5.56 -4.67
CA GLY C 95 39.81 4.24 -5.18
C GLY C 95 38.61 3.34 -5.44
N HIS C 96 37.56 3.49 -4.64
CA HIS C 96 36.33 2.72 -4.81
C HIS C 96 35.18 3.43 -4.16
N LEU C 97 33.97 2.96 -4.45
CA LEU C 97 32.75 3.50 -3.84
C LEU C 97 31.83 2.34 -3.45
N ASP C 98 31.36 2.37 -2.21
CA ASP C 98 30.53 1.31 -1.63
C ASP C 98 29.08 1.71 -1.38
N ILE C 99 28.84 3.01 -1.13
CA ILE C 99 27.56 3.49 -0.69
C ILE C 99 27.23 4.76 -1.45
N ALA C 100 26.01 4.82 -1.99
CA ALA C 100 25.50 6.03 -2.63
C ALA C 100 24.16 6.40 -2.01
N VAL C 101 24.06 7.62 -1.47
CA VAL C 101 22.81 8.16 -0.96
C VAL C 101 22.39 9.36 -1.82
N SER C 102 21.23 9.21 -2.47
CA SER C 102 20.67 10.22 -3.33
C SER C 102 19.66 10.97 -2.49
N ASN C 103 19.97 12.23 -2.21
CA ASN C 103 19.24 13.03 -1.28
C ASN C 103 18.75 14.37 -1.87
N SER C 104 19.42 14.84 -2.90
CA SER C 104 19.09 16.15 -3.48
C SER C 104 17.62 16.20 -3.92
N GLY C 105 16.97 17.30 -3.59
CA GLY C 105 15.57 17.48 -3.98
C GLY C 105 15.09 18.89 -3.73
N VAL C 106 14.01 19.25 -4.41
CA VAL C 106 13.33 20.52 -4.21
C VAL C 106 11.86 20.25 -4.00
N VAL C 107 11.20 21.17 -3.31
CA VAL C 107 9.78 21.07 -3.03
C VAL C 107 9.03 22.07 -3.87
N SER C 108 7.73 21.89 -4.00
CA SER C 108 6.89 22.77 -4.83
C SER C 108 5.47 22.64 -4.35
N PHE C 109 4.73 23.74 -4.44
CA PHE C 109 3.32 23.77 -4.20
C PHE C 109 2.63 24.55 -5.29
N GLY C 110 1.43 24.09 -5.62
CA GLY C 110 0.60 24.78 -6.56
C GLY C 110 -0.57 23.90 -6.93
N HIS C 111 -1.73 24.51 -7.07
CA HIS C 111 -2.87 23.84 -7.60
C HIS C 111 -2.56 23.35 -9.00
N LEU C 112 -3.04 22.16 -9.30
CA LEU C 112 -2.94 21.57 -10.64
C LEU C 112 -3.18 22.59 -11.75
N LYS C 113 -4.23 23.40 -11.64
CA LYS C 113 -4.59 24.32 -12.71
C LYS C 113 -3.51 25.31 -13.10
N ASP C 114 -2.58 25.60 -12.19
CA ASP C 114 -1.58 26.65 -12.39
C ASP C 114 -0.17 26.10 -12.62
N VAL C 115 0.00 24.79 -12.59
CA VAL C 115 1.33 24.25 -12.75
C VAL C 115 1.78 24.42 -14.20
N THR C 116 2.96 25.03 -14.39
CA THR C 116 3.53 25.27 -15.70
C THR C 116 4.50 24.16 -16.07
N GLU C 117 4.82 24.06 -17.35
CA GLU C 117 5.83 23.13 -17.86
C GLU C 117 7.13 23.33 -17.15
N GLU C 118 7.51 24.59 -16.98
CA GLU C 118 8.81 24.83 -16.37
C GLU C 118 8.87 24.42 -14.91
N GLU C 119 7.79 24.60 -14.16
CA GLU C 119 7.78 24.12 -12.79
C GLU C 119 7.81 22.59 -12.76
N PHE C 120 7.05 21.93 -13.63
CA PHE C 120 7.13 20.45 -13.75
C PHE C 120 8.56 20.02 -13.97
N ASP C 121 9.24 20.60 -14.95
CA ASP C 121 10.60 20.21 -15.26
C ASP C 121 11.59 20.54 -14.14
N ARG C 122 11.43 21.70 -13.48
CA ARG C 122 12.32 22.05 -12.37
C ARG C 122 12.28 20.97 -11.27
N VAL C 123 11.09 20.46 -10.97
CA VAL C 123 10.96 19.49 -9.91
C VAL C 123 11.40 18.11 -10.36
N PHE C 124 10.85 17.64 -11.48
CA PHE C 124 11.14 16.28 -11.93
C PHE C 124 12.58 16.07 -12.37
N SER C 125 13.21 17.09 -12.97
CA SER C 125 14.58 16.94 -13.42
C SER C 125 15.52 16.62 -12.26
N LEU C 126 15.21 17.12 -11.06
CA LEU C 126 16.02 16.83 -9.89
C LEU C 126 15.50 15.65 -9.09
N ASN C 127 14.22 15.70 -8.72
CA ASN C 127 13.66 14.73 -7.77
C ASN C 127 13.55 13.32 -8.33
N THR C 128 13.38 13.22 -9.64
CA THR C 128 13.03 11.95 -10.25
C THR C 128 14.08 11.54 -11.26
N ARG C 129 14.26 12.37 -12.27
CA ARG C 129 15.24 12.09 -13.31
C ARG C 129 16.64 12.06 -12.69
N GLY C 130 16.94 13.03 -11.85
CA GLY C 130 18.26 13.12 -11.22
C GLY C 130 18.55 11.92 -10.35
N GLN C 131 17.59 11.56 -9.49
CA GLN C 131 17.77 10.40 -8.63
C GLN C 131 17.90 9.11 -9.43
N PHE C 132 17.19 9.02 -10.54
CA PHE C 132 17.26 7.84 -11.38
C PHE C 132 18.69 7.66 -11.90
N PHE C 133 19.30 8.74 -12.37
CA PHE C 133 20.63 8.62 -12.96
C PHE C 133 21.73 8.62 -11.94
N VAL C 134 21.46 9.15 -10.76
CA VAL C 134 22.35 8.91 -9.62
C VAL C 134 22.39 7.41 -9.32
N ALA C 135 21.23 6.76 -9.32
CA ALA C 135 21.15 5.30 -9.12
C ALA C 135 21.89 4.54 -10.22
N ARG C 136 21.68 4.94 -11.47
CA ARG C 136 22.38 4.28 -12.56
C ARG C 136 23.88 4.35 -12.36
N GLU C 137 24.38 5.54 -12.08
CA GLU C 137 25.81 5.72 -11.99
C GLU C 137 26.35 5.05 -10.76
N ALA C 138 25.56 5.06 -9.68
CA ALA C 138 25.90 4.29 -8.50
C ALA C 138 26.06 2.81 -8.83
N TYR C 139 25.09 2.22 -9.50
CA TYR C 139 25.21 0.81 -9.87
C TYR C 139 26.49 0.56 -10.66
N ARG C 140 26.79 1.43 -11.62
CA ARG C 140 27.96 1.21 -12.48
C ARG C 140 29.27 1.30 -11.70
N HIS C 141 29.31 2.17 -10.68
CA HIS C 141 30.57 2.46 -9.97
C HIS C 141 30.76 1.71 -8.68
N LEU C 142 29.69 1.18 -8.09
CA LEU C 142 29.80 0.54 -6.77
C LEU C 142 30.51 -0.81 -6.77
N THR C 143 31.21 -1.09 -5.68
CA THR C 143 31.80 -2.40 -5.45
C THR C 143 30.69 -3.39 -5.07
N GLU C 144 30.93 -4.66 -5.38
CA GLU C 144 30.02 -5.74 -4.99
C GLU C 144 29.64 -5.63 -3.52
N GLY C 145 28.36 -5.81 -3.19
CA GLY C 145 27.93 -5.75 -1.79
C GLY C 145 27.62 -4.34 -1.31
N GLY C 146 27.58 -3.40 -2.23
CA GLY C 146 27.31 -2.02 -1.91
C GLY C 146 25.84 -1.70 -1.60
N ARG C 147 25.55 -0.40 -1.49
CA ARG C 147 24.27 0.09 -1.00
C ARG C 147 23.89 1.36 -1.75
N ILE C 148 22.63 1.42 -2.18
CA ILE C 148 22.05 2.65 -2.74
C ILE C 148 20.81 3.01 -1.93
N VAL C 149 20.69 4.28 -1.53
CA VAL C 149 19.51 4.74 -0.86
C VAL C 149 19.05 6.04 -1.55
N LEU C 150 17.79 6.05 -1.98
CA LEU C 150 17.19 7.22 -2.57
C LEU C 150 16.28 7.91 -1.56
N THR C 151 15.85 9.12 -1.87
CA THR C 151 14.96 9.85 -0.98
C THR C 151 13.61 10.08 -1.64
N SER C 152 12.58 9.66 -0.93
CA SER C 152 11.20 9.87 -1.34
C SER C 152 10.58 10.81 -0.30
N SER C 153 9.33 10.57 0.07
CA SER C 153 8.61 11.49 0.96
C SER C 153 7.36 10.81 1.47
N ASN C 154 6.90 11.17 2.66
CA ASN C 154 5.63 10.63 3.14
C ASN C 154 4.46 11.04 2.24
N THR C 155 4.64 12.12 1.47
CA THR C 155 3.57 12.63 0.58
C THR C 155 3.36 11.79 -0.67
N SER C 156 4.28 10.89 -0.98
CA SER C 156 4.12 10.07 -2.15
C SER C 156 2.97 9.07 -1.98
N LYS C 157 2.85 8.50 -0.78
CA LYS C 157 1.84 7.49 -0.48
C LYS C 157 1.02 7.77 0.77
N ASP C 158 1.65 8.16 1.88
CA ASP C 158 1.00 8.14 3.19
C ASP C 158 0.25 9.41 3.59
N PHE C 159 0.53 10.54 2.96
CA PHE C 159 0.08 11.82 3.43
C PHE C 159 -0.40 12.59 2.21
N SER C 160 -1.62 13.08 2.24
CA SER C 160 -2.21 13.72 1.07
C SER C 160 -2.46 15.21 1.35
N VAL C 161 -1.74 16.06 0.63
CA VAL C 161 -1.76 17.49 0.85
C VAL C 161 -2.29 18.20 -0.38
N PRO C 162 -3.34 19.01 -0.23
CA PRO C 162 -3.75 19.81 -1.38
C PRO C 162 -2.61 20.64 -1.98
N LYS C 163 -2.70 20.84 -3.31
CA LYS C 163 -1.74 21.65 -4.07
C LYS C 163 -0.31 21.11 -4.01
N HIS C 164 -0.16 19.79 -3.86
CA HIS C 164 1.14 19.18 -3.71
C HIS C 164 1.36 18.07 -4.69
N SER C 165 0.67 18.13 -5.84
CA SER C 165 0.63 16.97 -6.73
C SER C 165 1.94 16.70 -7.43
N LEU C 166 2.58 17.77 -7.86
CA LEU C 166 3.84 17.66 -8.56
C LEU C 166 4.91 16.99 -7.73
N TYR C 167 5.09 17.51 -6.52
CA TYR C 167 6.09 16.96 -5.63
C TYR C 167 5.75 15.53 -5.24
N SER C 168 4.49 15.29 -4.90
CA SER C 168 4.08 13.98 -4.43
C SER C 168 4.37 12.94 -5.50
N GLY C 169 4.05 13.29 -6.75
CA GLY C 169 4.30 12.41 -7.89
C GLY C 169 5.77 12.20 -8.17
N SER C 170 6.57 13.22 -7.94
CA SER C 170 7.99 13.12 -8.20
C SER C 170 8.61 12.06 -7.30
N LYS C 171 8.08 11.94 -6.10
CA LYS C 171 8.57 11.00 -5.14
C LYS C 171 7.87 9.64 -5.22
N GLY C 172 6.64 9.60 -5.70
CA GLY C 172 5.99 8.33 -6.03
C GLY C 172 6.77 7.53 -7.08
N ALA C 173 7.31 8.20 -8.09
CA ALA C 173 8.17 7.54 -9.08
C ALA C 173 9.35 6.85 -8.40
N VAL C 174 9.97 7.55 -7.45
CA VAL C 174 11.14 7.01 -6.73
C VAL C 174 10.79 5.74 -5.96
N ASP C 175 9.66 5.74 -5.27
CA ASP C 175 9.16 4.54 -4.59
C ASP C 175 9.15 3.34 -5.51
N SER C 176 8.59 3.53 -6.71
CA SER C 176 8.52 2.43 -7.68
C SER C 176 9.93 2.06 -8.15
N PHE C 177 10.77 3.07 -8.38
CA PHE C 177 12.12 2.80 -8.84
C PHE C 177 12.86 1.83 -7.92
N VAL C 178 12.83 2.07 -6.61
CA VAL C 178 13.72 1.35 -5.72
C VAL C 178 13.38 -0.11 -5.67
N ARG C 179 12.09 -0.42 -5.75
CA ARG C 179 11.65 -1.79 -5.77
C ARG C 179 12.24 -2.58 -6.97
N ILE C 180 12.24 -1.96 -8.15
CA ILE C 180 12.74 -2.62 -9.35
C ILE C 180 14.26 -2.49 -9.43
N PHE C 181 14.81 -1.35 -8.98
CA PHE C 181 16.25 -1.23 -8.90
C PHE C 181 16.87 -2.38 -8.11
N SER C 182 16.22 -2.79 -7.01
CA SER C 182 16.79 -3.86 -6.18
C SER C 182 16.92 -5.15 -6.97
N LYS C 183 16.03 -5.38 -7.94
CA LYS C 183 16.11 -6.58 -8.77
C LYS C 183 17.31 -6.51 -9.72
N ASP C 184 17.50 -5.38 -10.38
CA ASP C 184 18.64 -5.20 -11.28
C ASP C 184 19.97 -5.18 -10.52
N CYS C 185 20.00 -4.50 -9.37
CA CYS C 185 21.22 -4.30 -8.63
C CYS C 185 21.69 -5.53 -7.89
N GLY C 186 20.81 -6.52 -7.78
CA GLY C 186 21.16 -7.77 -7.13
C GLY C 186 22.27 -8.53 -7.80
N ASP C 187 22.53 -8.28 -9.08
CA ASP C 187 23.62 -9.02 -9.74
C ASP C 187 25.03 -8.53 -9.32
N LYS C 188 25.10 -7.38 -8.64
CA LYS C 188 26.30 -6.96 -7.94
C LYS C 188 26.10 -7.03 -6.42
N LYS C 189 25.07 -7.76 -6.00
CA LYS C 189 24.68 -7.85 -4.58
C LYS C 189 24.55 -6.47 -3.90
N ILE C 190 24.03 -5.50 -4.64
CA ILE C 190 23.82 -4.18 -4.12
C ILE C 190 22.37 -4.06 -3.72
N THR C 191 22.10 -3.62 -2.48
CA THR C 191 20.72 -3.38 -2.06
C THR C 191 20.35 -1.94 -2.41
N VAL C 192 19.06 -1.73 -2.65
CA VAL C 192 18.53 -0.41 -2.95
C VAL C 192 17.27 -0.23 -2.16
N ASN C 193 17.21 0.89 -1.45
CA ASN C 193 16.05 1.24 -0.66
C ASN C 193 15.80 2.74 -0.80
N ALA C 194 14.70 3.21 -0.26
CA ALA C 194 14.49 4.66 -0.13
C ALA C 194 14.02 4.98 1.28
N VAL C 195 14.34 6.17 1.75
CA VAL C 195 13.75 6.74 2.96
C VAL C 195 12.74 7.82 2.55
N ALA C 196 11.61 7.87 3.24
CA ALA C 196 10.49 8.74 2.94
C ALA C 196 10.19 9.54 4.17
N PRO C 197 10.93 10.64 4.38
CA PRO C 197 10.68 11.43 5.61
C PRO C 197 9.36 12.18 5.55
N GLY C 198 8.75 12.40 6.71
CA GLY C 198 7.72 13.40 6.86
C GLY C 198 8.37 14.74 7.10
N GLY C 199 7.61 15.69 7.65
CA GLY C 199 8.14 17.00 8.00
C GLY C 199 9.36 16.92 8.88
N THR C 200 10.50 17.35 8.35
CA THR C 200 11.79 17.28 9.04
C THR C 200 12.34 18.69 9.04
N VAL C 201 12.76 19.19 10.18
CA VAL C 201 13.15 20.60 10.31
C VAL C 201 14.47 20.86 9.55
N THR C 202 14.36 21.53 8.40
CA THR C 202 15.47 21.93 7.53
C THR C 202 15.03 23.25 6.87
N ASP C 203 15.80 23.77 5.93
CA ASP C 203 15.38 24.97 5.18
C ASP C 203 14.07 24.73 4.43
N MET C 204 13.91 23.53 3.90
CA MET C 204 12.71 23.17 3.18
C MET C 204 11.47 23.17 4.10
N PHE C 205 11.64 22.76 5.35
CA PHE C 205 10.49 22.66 6.28
C PHE C 205 9.74 23.95 6.33
N HIS C 206 10.49 25.05 6.31
CA HIS C 206 9.89 26.34 6.49
C HIS C 206 8.96 26.74 5.38
N GLU C 207 9.16 26.19 4.17
CA GLU C 207 8.13 26.29 3.12
C GLU C 207 6.97 25.31 3.26
N VAL C 208 7.26 24.06 3.59
CA VAL C 208 6.19 23.09 3.52
C VAL C 208 5.23 23.29 4.68
N SER C 209 5.72 23.92 5.75
CA SER C 209 4.99 23.92 7.01
C SER C 209 3.59 24.52 6.90
N HIS C 210 3.43 25.60 6.13
CA HIS C 210 2.10 26.17 5.92
C HIS C 210 1.10 25.27 5.29
N HIS C 211 1.57 24.29 4.52
CA HIS C 211 0.64 23.39 3.83
C HIS C 211 0.42 22.09 4.54
N TYR C 212 1.39 21.63 5.31
CA TYR C 212 1.26 20.35 6.03
C TYR C 212 0.40 20.49 7.32
N ILE C 213 0.05 21.71 7.70
CA ILE C 213 -0.82 21.95 8.84
C ILE C 213 -2.15 22.49 8.34
N PRO C 214 -3.28 21.96 8.86
CA PRO C 214 -4.59 22.58 8.60
C PRO C 214 -4.60 24.07 8.98
N ASN C 215 -5.11 24.92 8.08
CA ASN C 215 -5.06 26.40 8.20
C ASN C 215 -3.64 26.90 8.55
N GLY C 216 -2.59 26.27 8.02
CA GLY C 216 -1.20 26.64 8.36
C GLY C 216 -0.91 28.13 8.18
N THR C 217 -1.54 28.71 7.18
CA THR C 217 -1.42 30.13 6.85
C THR C 217 -1.81 31.12 7.97
N SER C 218 -2.64 30.71 8.93
CA SER C 218 -3.02 31.62 10.02
C SER C 218 -2.20 31.42 11.33
N TYR C 219 -0.98 30.86 11.24
CA TYR C 219 -0.09 30.66 12.41
C TYR C 219 1.32 31.20 12.19
N THR C 220 2.01 31.55 13.27
CA THR C 220 3.44 31.89 13.22
C THR C 220 4.27 30.67 12.83
N ALA C 221 5.48 30.93 12.34
CA ALA C 221 6.41 29.87 11.98
C ALA C 221 6.73 28.94 13.16
N GLU C 222 6.82 29.51 14.36
CA GLU C 222 7.12 28.75 15.56
C GLU C 222 5.95 27.86 15.93
N GLN C 223 4.75 28.43 15.93
CA GLN C 223 3.52 27.65 16.10
C GLN C 223 3.40 26.49 15.09
N ARG C 224 3.77 26.72 13.85
CA ARG C 224 3.65 25.70 12.83
C ARG C 224 4.57 24.53 13.15
N GLN C 225 5.77 24.85 13.61
CA GLN C 225 6.72 23.82 13.97
C GLN C 225 6.16 23.01 15.16
N GLN C 226 5.54 23.70 16.11
CA GLN C 226 4.91 23.02 17.24
C GLN C 226 3.76 22.12 16.78
N MET C 227 2.93 22.61 15.87
CA MET C 227 1.85 21.80 15.33
C MET C 227 2.34 20.60 14.54
N ALA C 228 3.42 20.78 13.78
CA ALA C 228 4.05 19.64 13.12
C ALA C 228 4.54 18.62 14.14
N ALA C 229 5.04 19.10 15.27
CA ALA C 229 5.46 18.23 16.37
C ALA C 229 4.31 17.36 16.87
N HIS C 230 3.12 17.96 17.02
CA HIS C 230 1.96 17.24 17.53
C HIS C 230 1.34 16.30 16.51
N ALA C 231 1.79 16.31 15.25
CA ALA C 231 1.33 15.33 14.25
C ALA C 231 1.91 13.94 14.55
N SER C 232 3.08 13.89 15.19
CA SER C 232 3.63 12.63 15.66
C SER C 232 3.07 12.33 17.02
N PRO C 233 2.71 11.05 17.25
CA PRO C 233 2.31 10.67 18.62
C PRO C 233 3.45 10.81 19.65
N LEU C 234 4.68 11.00 19.19
CA LEU C 234 5.79 11.30 20.11
C LEU C 234 5.92 12.78 20.45
N HIS C 235 5.09 13.63 19.83
CA HIS C 235 5.03 15.07 20.12
C HIS C 235 6.38 15.74 20.00
N ARG C 236 7.05 15.49 18.89
CA ARG C 236 8.27 16.21 18.57
C ARG C 236 8.39 16.27 17.08
N ASN C 237 9.27 17.13 16.61
CA ASN C 237 9.52 17.23 15.17
C ASN C 237 10.47 16.14 14.74
N GLY C 238 10.44 15.82 13.46
CA GLY C 238 11.51 15.07 12.83
C GLY C 238 12.70 15.97 12.57
N TRP C 239 13.90 15.43 12.75
CA TRP C 239 15.16 16.14 12.53
C TRP C 239 15.99 15.40 11.53
N PRO C 240 16.93 16.10 10.90
CA PRO C 240 17.81 15.40 9.96
C PRO C 240 18.54 14.17 10.55
N GLN C 241 18.95 14.24 11.82
CA GLN C 241 19.57 13.09 12.47
C GLN C 241 18.65 11.84 12.48
N ASP C 242 17.34 12.05 12.54
CA ASP C 242 16.39 10.93 12.53
C ASP C 242 16.50 10.14 11.23
N VAL C 243 16.62 10.87 10.13
CA VAL C 243 16.81 10.23 8.84
C VAL C 243 18.19 9.61 8.72
N ALA C 244 19.19 10.35 9.17
CA ALA C 244 20.55 9.85 9.17
C ALA C 244 20.67 8.52 9.88
N ASN C 245 19.98 8.39 11.01
CA ASN C 245 20.07 7.16 11.83
C ASN C 245 19.61 5.94 11.04
N VAL C 246 18.55 6.14 10.27
CA VAL C 246 17.97 5.08 9.48
C VAL C 246 18.81 4.77 8.22
N VAL C 247 19.29 5.78 7.53
CA VAL C 247 20.19 5.54 6.39
C VAL C 247 21.42 4.75 6.84
N GLY C 248 22.01 5.14 7.96
CA GLY C 248 23.16 4.44 8.54
C GLY C 248 22.91 2.96 8.74
N PHE C 249 21.75 2.62 9.24
CA PHE C 249 21.42 1.22 9.37
C PHE C 249 21.25 0.53 8.00
N LEU C 250 20.54 1.19 7.08
CA LEU C 250 20.28 0.58 5.77
C LEU C 250 21.58 0.28 5.01
N VAL C 251 22.57 1.15 5.16
CA VAL C 251 23.81 1.00 4.42
C VAL C 251 24.82 0.11 5.13
N SER C 252 24.49 -0.33 6.34
CA SER C 252 25.37 -1.22 7.09
C SER C 252 25.20 -2.64 6.61
N LYS C 253 26.14 -3.48 7.01
CA LYS C 253 26.05 -4.90 6.74
C LYS C 253 24.72 -5.45 7.28
N GLU C 254 24.36 -5.03 8.50
CA GLU C 254 23.16 -5.48 9.18
C GLU C 254 21.83 -5.11 8.50
N GLY C 255 21.83 -4.09 7.66
CA GLY C 255 20.63 -3.70 6.92
C GLY C 255 20.34 -4.50 5.65
N GLU C 256 21.17 -5.48 5.34
CA GLU C 256 21.10 -6.15 4.04
C GLU C 256 19.74 -6.68 3.65
N TRP C 257 19.01 -7.26 4.61
CA TRP C 257 17.78 -7.92 4.28
C TRP C 257 16.62 -6.96 4.07
N VAL C 258 16.83 -5.68 4.36
CA VAL C 258 15.94 -4.64 3.90
C VAL C 258 16.43 -4.26 2.50
N ASN C 259 15.62 -4.56 1.50
CA ASN C 259 16.02 -4.38 0.13
C ASN C 259 14.79 -4.18 -0.71
N GLY C 260 14.82 -3.16 -1.56
CA GLY C 260 13.68 -2.86 -2.42
C GLY C 260 12.55 -2.16 -1.69
N LYS C 261 12.83 -1.59 -0.51
CA LYS C 261 11.77 -1.03 0.36
C LYS C 261 11.84 0.47 0.50
N VAL C 262 10.69 1.07 0.77
CA VAL C 262 10.59 2.46 1.13
C VAL C 262 10.16 2.56 2.57
N LEU C 263 11.00 3.19 3.38
CA LEU C 263 10.71 3.35 4.82
C LEU C 263 10.25 4.77 5.09
N THR C 264 8.98 4.93 5.46
CA THR C 264 8.45 6.20 5.86
C THR C 264 8.91 6.54 7.29
N LEU C 265 9.53 7.69 7.42
CA LEU C 265 10.14 8.19 8.65
C LEU C 265 9.43 9.46 9.08
N ASP C 266 8.36 9.29 9.84
CA ASP C 266 7.51 10.40 10.20
C ASP C 266 7.15 10.37 11.68
N GLY C 267 7.89 9.58 12.46
CA GLY C 267 7.62 9.40 13.88
C GLY C 267 6.22 8.93 14.22
N GLY C 268 5.56 8.24 13.30
CA GLY C 268 4.24 7.67 13.54
C GLY C 268 3.06 8.55 13.15
N ALA C 269 3.31 9.59 12.38
CA ALA C 269 2.24 10.51 11.94
C ALA C 269 1.23 9.83 11.03
N ALA C 270 1.70 9.10 10.00
CA ALA C 270 0.81 8.41 9.03
C ALA C 270 -0.09 7.34 9.68
N THR D 10 -37.32 -0.08 -15.67
CA THR D 10 -36.08 -0.92 -15.63
C THR D 10 -34.85 -0.03 -15.47
N TYR D 11 -34.24 -0.08 -14.29
CA TYR D 11 -33.05 0.72 -14.00
C TYR D 11 -31.86 0.27 -14.86
N ILE D 12 -31.25 1.24 -15.56
CA ILE D 12 -30.06 1.00 -16.40
C ILE D 12 -28.85 1.67 -15.76
N PRO D 13 -27.90 0.86 -15.22
CA PRO D 13 -26.78 1.43 -14.51
C PRO D 13 -25.67 1.99 -15.39
N GLY D 14 -25.04 3.03 -14.90
CA GLY D 14 -23.71 3.40 -15.39
C GLY D 14 -23.67 4.01 -16.76
N ARG D 15 -24.75 4.65 -17.18
CA ARG D 15 -24.78 5.23 -18.51
C ARG D 15 -24.27 6.66 -18.46
N LEU D 16 -23.95 7.18 -19.64
CA LEU D 16 -23.30 8.49 -19.81
C LEU D 16 -24.04 9.35 -20.85
N ASP D 17 -25.33 9.12 -21.01
CA ASP D 17 -26.12 9.87 -21.97
C ASP D 17 -25.97 11.37 -21.69
N GLY D 18 -25.74 12.12 -22.76
CA GLY D 18 -25.60 13.56 -22.67
C GLY D 18 -24.20 14.02 -22.37
N LYS D 19 -23.32 13.09 -22.05
CA LYS D 19 -21.95 13.45 -21.68
C LYS D 19 -21.04 13.46 -22.89
N VAL D 20 -19.94 14.16 -22.74
CA VAL D 20 -18.91 14.20 -23.75
C VAL D 20 -17.61 13.82 -23.11
N ALA D 21 -16.93 12.86 -23.75
CA ALA D 21 -15.73 12.26 -23.22
C ALA D 21 -14.60 12.43 -24.23
N LEU D 22 -13.38 12.53 -23.72
CA LEU D 22 -12.19 12.59 -24.55
C LEU D 22 -11.29 11.48 -24.07
N VAL D 23 -10.73 10.71 -24.99
CA VAL D 23 -9.78 9.65 -24.66
C VAL D 23 -8.49 9.84 -25.44
N THR D 24 -7.37 9.98 -24.72
CA THR D 24 -6.09 10.11 -25.41
C THR D 24 -5.63 8.74 -25.88
N GLY D 25 -5.01 8.68 -27.06
CA GLY D 25 -4.48 7.45 -27.59
C GLY D 25 -5.55 6.41 -27.82
N SER D 26 -6.65 6.84 -28.41
CA SER D 26 -7.81 5.95 -28.55
C SER D 26 -8.00 5.42 -29.96
N GLY D 27 -7.01 5.59 -30.82
CA GLY D 27 -7.00 4.96 -32.13
C GLY D 27 -6.85 3.44 -32.08
N ARG D 28 -6.20 2.94 -31.04
CA ARG D 28 -6.01 1.50 -30.91
C ARG D 28 -5.80 1.09 -29.45
N GLY D 29 -5.80 -0.22 -29.21
CA GLY D 29 -5.47 -0.78 -27.91
C GLY D 29 -6.55 -0.50 -26.86
N ILE D 30 -6.11 -0.28 -25.63
CA ILE D 30 -7.01 -0.05 -24.52
C ILE D 30 -7.81 1.23 -24.79
N GLY D 31 -7.15 2.27 -25.26
CA GLY D 31 -7.85 3.51 -25.54
C GLY D 31 -8.98 3.36 -26.56
N ALA D 32 -8.77 2.53 -27.59
CA ALA D 32 -9.83 2.27 -28.58
C ALA D 32 -11.04 1.61 -27.93
N ALA D 33 -10.79 0.60 -27.10
CA ALA D 33 -11.89 -0.08 -26.39
C ALA D 33 -12.59 0.88 -25.43
N VAL D 34 -11.84 1.75 -24.78
CA VAL D 34 -12.44 2.72 -23.85
C VAL D 34 -13.34 3.67 -24.61
N ALA D 35 -12.83 4.21 -25.71
CA ALA D 35 -13.58 5.14 -26.54
C ALA D 35 -14.88 4.52 -27.05
N VAL D 36 -14.81 3.31 -27.61
CA VAL D 36 -15.99 2.66 -28.14
C VAL D 36 -16.98 2.40 -27.00
N HIS D 37 -16.47 1.98 -25.86
CA HIS D 37 -17.32 1.69 -24.70
C HIS D 37 -18.02 2.92 -24.15
N LEU D 38 -17.30 4.02 -24.01
CA LEU D 38 -17.94 5.24 -23.56
C LEU D 38 -19.04 5.66 -24.53
N GLY D 39 -18.79 5.52 -25.83
CA GLY D 39 -19.82 5.70 -26.83
C GLY D 39 -21.01 4.78 -26.65
N ARG D 40 -20.72 3.50 -26.38
CA ARG D 40 -21.78 2.51 -26.12
C ARG D 40 -22.62 2.92 -24.89
N LEU D 41 -21.99 3.55 -23.91
CA LEU D 41 -22.69 4.02 -22.71
C LEU D 41 -23.42 5.33 -22.94
N GLY D 42 -23.29 5.90 -24.15
CA GLY D 42 -24.11 7.03 -24.55
C GLY D 42 -23.35 8.33 -24.65
N ALA D 43 -22.04 8.32 -24.40
CA ALA D 43 -21.26 9.54 -24.45
C ALA D 43 -20.90 9.87 -25.88
N LYS D 44 -20.77 11.16 -26.19
CA LYS D 44 -20.11 11.59 -27.43
C LYS D 44 -18.61 11.55 -27.17
N VAL D 45 -17.81 11.22 -28.18
CA VAL D 45 -16.41 10.91 -27.91
C VAL D 45 -15.40 11.60 -28.81
N VAL D 46 -14.41 12.23 -28.19
CA VAL D 46 -13.27 12.76 -28.92
C VAL D 46 -12.17 11.72 -28.89
N VAL D 47 -11.83 11.23 -30.06
CA VAL D 47 -10.86 10.19 -30.26
C VAL D 47 -9.53 10.84 -30.60
N ASN D 48 -8.65 10.95 -29.64
CA ASN D 48 -7.32 11.48 -29.90
C ASN D 48 -6.37 10.39 -30.37
N TYR D 49 -5.50 10.73 -31.33
CA TYR D 49 -4.41 9.87 -31.74
C TYR D 49 -3.22 10.72 -32.02
N ALA D 50 -2.06 10.08 -32.13
CA ALA D 50 -0.83 10.77 -32.48
C ALA D 50 -0.26 10.30 -33.83
N ASN D 51 -0.34 9.00 -34.09
CA ASN D 51 0.19 8.39 -35.32
C ASN D 51 -0.81 7.51 -36.08
N SER D 52 -1.71 6.87 -35.38
CA SER D 52 -2.61 5.90 -35.98
C SER D 52 -3.86 6.58 -36.58
N THR D 53 -3.66 7.31 -37.67
CA THR D 53 -4.74 8.05 -38.31
C THR D 53 -5.89 7.18 -38.76
N LYS D 54 -5.57 6.10 -39.46
CA LYS D 54 -6.60 5.23 -40.01
C LYS D 54 -7.38 4.51 -38.91
N ASP D 55 -6.66 4.04 -37.90
CA ASP D 55 -7.29 3.37 -36.77
C ASP D 55 -8.21 4.32 -36.01
N ALA D 56 -7.80 5.57 -35.83
CA ALA D 56 -8.66 6.58 -35.17
C ALA D 56 -9.94 6.81 -35.96
N GLU D 57 -9.84 6.86 -37.30
CA GLU D 57 -11.02 6.99 -38.15
C GLU D 57 -11.94 5.77 -38.05
N LYS D 58 -11.37 4.57 -37.90
CA LYS D 58 -12.19 3.36 -37.67
C LYS D 58 -12.96 3.42 -36.34
N VAL D 59 -12.30 3.88 -35.29
CA VAL D 59 -12.95 4.02 -34.00
C VAL D 59 -14.09 5.04 -34.06
N VAL D 60 -13.82 6.20 -34.64
CA VAL D 60 -14.85 7.22 -34.85
C VAL D 60 -16.03 6.61 -35.57
N SER D 61 -15.76 5.93 -36.68
CA SER D 61 -16.82 5.29 -37.44
C SER D 61 -17.60 4.23 -36.63
N GLU D 62 -16.90 3.47 -35.81
CA GLU D 62 -17.56 2.50 -34.94
C GLU D 62 -18.48 3.18 -33.90
N ILE D 63 -18.03 4.29 -33.31
CA ILE D 63 -18.84 5.00 -32.33
C ILE D 63 -20.10 5.56 -32.99
N LYS D 64 -19.97 6.09 -34.21
CA LYS D 64 -21.15 6.56 -34.95
C LYS D 64 -22.07 5.42 -35.32
N ALA D 65 -21.49 4.26 -35.65
CA ALA D 65 -22.29 3.10 -36.02
C ALA D 65 -23.15 2.58 -34.84
N LEU D 66 -22.62 2.62 -33.63
CA LEU D 66 -23.44 2.20 -32.49
C LEU D 66 -24.43 3.29 -32.02
N GLY D 67 -24.47 4.44 -32.70
CA GLY D 67 -25.51 5.45 -32.46
C GLY D 67 -25.09 6.67 -31.68
N SER D 68 -23.80 6.85 -31.44
CA SER D 68 -23.36 8.07 -30.78
C SER D 68 -22.62 8.94 -31.78
N ASP D 69 -21.94 9.98 -31.32
CA ASP D 69 -21.17 10.84 -32.22
C ASP D 69 -19.73 10.90 -31.75
N ALA D 70 -18.83 11.14 -32.69
CA ALA D 70 -17.40 11.15 -32.40
C ALA D 70 -16.62 11.94 -33.41
N ILE D 71 -15.46 12.40 -32.99
CA ILE D 71 -14.54 13.12 -33.85
C ILE D 71 -13.13 12.67 -33.50
N ALA D 72 -12.28 12.51 -34.51
CA ALA D 72 -10.87 12.19 -34.31
C ALA D 72 -10.10 13.51 -34.32
N ILE D 73 -9.22 13.71 -33.34
CA ILE D 73 -8.34 14.87 -33.32
C ILE D 73 -6.88 14.46 -33.03
N LYS D 74 -5.98 14.76 -33.96
CA LYS D 74 -4.55 14.48 -33.79
C LYS D 74 -3.92 15.45 -32.80
N ALA D 75 -3.19 14.91 -31.84
CA ALA D 75 -2.37 15.75 -30.95
C ALA D 75 -1.31 14.88 -30.31
N ASP D 76 -0.08 15.39 -30.33
CA ASP D 76 1.04 14.71 -29.71
C ASP D 76 1.06 15.10 -28.23
N ILE D 77 0.70 14.14 -27.36
CA ILE D 77 0.51 14.41 -25.94
C ILE D 77 1.84 14.72 -25.23
N ARG D 78 2.98 14.49 -25.88
CA ARG D 78 4.26 15.01 -25.37
C ARG D 78 4.36 16.55 -25.43
N GLN D 79 3.61 17.19 -26.31
CA GLN D 79 3.67 18.64 -26.51
C GLN D 79 2.53 19.33 -25.79
N VAL D 80 2.85 20.05 -24.73
CA VAL D 80 1.80 20.67 -23.91
C VAL D 80 0.96 21.65 -24.72
N PRO D 81 1.59 22.45 -25.58
CA PRO D 81 0.71 23.31 -26.41
C PRO D 81 -0.28 22.49 -27.28
N GLU D 82 0.09 21.28 -27.69
CA GLU D 82 -0.83 20.46 -28.48
C GLU D 82 -1.94 19.88 -27.62
N ILE D 83 -1.66 19.64 -26.34
CA ILE D 83 -2.68 19.22 -25.38
C ILE D 83 -3.71 20.34 -25.22
N VAL D 84 -3.24 21.56 -24.99
CA VAL D 84 -4.13 22.72 -24.86
C VAL D 84 -5.04 22.80 -26.09
N LYS D 85 -4.45 22.72 -27.29
CA LYS D 85 -5.22 22.82 -28.53
C LYS D 85 -6.22 21.69 -28.67
N LEU D 86 -5.82 20.48 -28.30
CA LEU D 86 -6.71 19.32 -28.35
C LEU D 86 -7.98 19.56 -27.56
N PHE D 87 -7.82 20.03 -26.32
CA PHE D 87 -8.95 20.30 -25.46
C PHE D 87 -9.77 21.48 -25.97
N ASP D 88 -9.11 22.54 -26.44
CA ASP D 88 -9.84 23.64 -27.08
C ASP D 88 -10.70 23.16 -28.28
N GLN D 89 -10.12 22.31 -29.12
CA GLN D 89 -10.86 21.80 -30.31
C GLN D 89 -11.98 20.86 -29.91
N ALA D 90 -11.75 20.09 -28.86
CA ALA D 90 -12.77 19.19 -28.34
C ALA D 90 -14.02 19.99 -27.91
N VAL D 91 -13.81 21.02 -27.12
CA VAL D 91 -14.89 21.84 -26.59
C VAL D 91 -15.55 22.65 -27.73
N ALA D 92 -14.76 23.13 -28.69
CA ALA D 92 -15.33 23.87 -29.84
C ALA D 92 -16.29 23.00 -30.62
N HIS D 93 -15.96 21.71 -30.72
CA HIS D 93 -16.75 20.80 -31.53
C HIS D 93 -18.03 20.37 -30.84
N PHE D 94 -17.92 19.89 -29.60
CA PHE D 94 -19.10 19.39 -28.89
C PHE D 94 -19.76 20.38 -27.92
N GLY D 95 -19.15 21.53 -27.67
CA GLY D 95 -19.72 22.53 -26.79
C GLY D 95 -19.24 22.45 -25.36
N HIS D 96 -18.98 21.25 -24.87
CA HIS D 96 -18.48 21.09 -23.50
C HIS D 96 -17.79 19.76 -23.40
N LEU D 97 -17.10 19.55 -22.29
CA LEU D 97 -16.40 18.29 -22.02
C LEU D 97 -16.63 17.90 -20.56
N ASP D 98 -17.02 16.64 -20.35
CA ASP D 98 -17.34 16.10 -19.02
C ASP D 98 -16.33 15.07 -18.51
N ILE D 99 -15.73 14.32 -19.42
CA ILE D 99 -14.92 13.16 -19.07
C ILE D 99 -13.62 13.20 -19.86
N ALA D 100 -12.50 13.05 -19.16
CA ALA D 100 -11.19 12.95 -19.81
C ALA D 100 -10.52 11.68 -19.32
N VAL D 101 -10.17 10.81 -20.26
CA VAL D 101 -9.44 9.62 -19.97
C VAL D 101 -8.08 9.72 -20.65
N SER D 102 -7.04 9.68 -19.83
CA SER D 102 -5.67 9.81 -20.27
C SER D 102 -5.13 8.40 -20.33
N ASN D 103 -4.89 7.94 -21.54
CA ASN D 103 -4.55 6.54 -21.80
C ASN D 103 -3.22 6.37 -22.55
N SER D 104 -2.80 7.40 -23.25
CA SER D 104 -1.60 7.33 -24.06
C SER D 104 -0.41 6.93 -23.19
N GLY D 105 0.39 5.98 -23.70
CA GLY D 105 1.60 5.57 -23.00
C GLY D 105 2.47 4.70 -23.85
N VAL D 106 3.75 4.60 -23.47
CA VAL D 106 4.70 3.70 -24.08
C VAL D 106 5.39 2.87 -23.01
N VAL D 107 5.83 1.67 -23.40
CA VAL D 107 6.49 0.75 -22.50
C VAL D 107 7.97 0.75 -22.83
N SER D 108 8.78 0.25 -21.91
CA SER D 108 10.23 0.25 -22.06
C SER D 108 10.81 -0.79 -21.12
N PHE D 109 11.89 -1.41 -21.54
CA PHE D 109 12.65 -2.33 -20.76
C PHE D 109 14.10 -2.04 -20.87
N GLY D 110 14.82 -2.33 -19.81
CA GLY D 110 16.26 -2.23 -19.82
C GLY D 110 16.74 -2.27 -18.39
N HIS D 111 17.89 -2.90 -18.20
CA HIS D 111 18.55 -2.92 -16.90
C HIS D 111 19.11 -1.56 -16.58
N LEU D 112 18.79 -1.08 -15.38
CA LEU D 112 19.21 0.23 -14.94
C LEU D 112 20.51 0.70 -15.58
N LYS D 113 21.52 -0.15 -15.60
CA LYS D 113 22.82 0.25 -16.10
C LYS D 113 22.81 0.75 -17.54
N ASP D 114 21.81 0.36 -18.34
CA ASP D 114 21.78 0.65 -19.78
C ASP D 114 20.75 1.72 -20.16
N VAL D 115 20.00 2.22 -19.20
CA VAL D 115 19.00 3.24 -19.51
C VAL D 115 19.68 4.58 -19.80
N THR D 116 19.37 5.16 -20.96
CA THR D 116 19.93 6.44 -21.38
C THR D 116 18.99 7.58 -21.02
N GLU D 117 19.51 8.80 -21.03
CA GLU D 117 18.72 10.03 -20.83
C GLU D 117 17.58 10.09 -21.82
N GLU D 118 17.87 9.79 -23.07
CA GLU D 118 16.87 9.90 -24.11
C GLU D 118 15.73 8.92 -23.88
N GLU D 119 16.05 7.71 -23.41
CA GLU D 119 15.01 6.73 -23.15
C GLU D 119 14.20 7.18 -21.93
N PHE D 120 14.86 7.69 -20.89
CA PHE D 120 14.13 8.27 -19.78
C PHE D 120 13.13 9.31 -20.26
N ASP D 121 13.58 10.25 -21.07
CA ASP D 121 12.71 11.33 -21.51
C ASP D 121 11.58 10.86 -22.45
N ARG D 122 11.88 9.88 -23.32
CA ARG D 122 10.87 9.34 -24.21
C ARG D 122 9.70 8.77 -23.38
N VAL D 123 10.02 8.07 -22.30
CA VAL D 123 8.98 7.44 -21.50
C VAL D 123 8.27 8.44 -20.61
N PHE D 124 9.03 9.20 -19.84
CA PHE D 124 8.43 10.14 -18.89
C PHE D 124 7.66 11.29 -19.55
N SER D 125 8.13 11.76 -20.71
CA SER D 125 7.47 12.88 -21.39
C SER D 125 6.03 12.52 -21.73
N LEU D 126 5.78 11.23 -22.03
CA LEU D 126 4.42 10.80 -22.36
C LEU D 126 3.69 10.24 -21.15
N ASN D 127 4.29 9.26 -20.47
CA ASN D 127 3.58 8.52 -19.43
C ASN D 127 3.26 9.36 -18.19
N THR D 128 4.08 10.37 -17.93
CA THR D 128 4.02 11.06 -16.65
C THR D 128 3.76 12.56 -16.87
N ARG D 129 4.66 13.21 -17.58
CA ARG D 129 4.52 14.62 -17.89
C ARG D 129 3.27 14.83 -18.74
N GLY D 130 3.07 13.98 -19.74
CA GLY D 130 1.93 14.12 -20.64
C GLY D 130 0.63 13.95 -19.89
N GLN D 131 0.54 12.89 -19.11
CA GLN D 131 -0.69 12.63 -18.34
C GLN D 131 -0.95 13.75 -17.35
N PHE D 132 0.10 14.34 -16.80
CA PHE D 132 -0.05 15.44 -15.84
C PHE D 132 -0.71 16.63 -16.52
N PHE D 133 -0.26 16.98 -17.71
CA PHE D 133 -0.83 18.15 -18.39
C PHE D 133 -2.14 17.85 -19.09
N VAL D 134 -2.39 16.58 -19.41
CA VAL D 134 -3.73 16.18 -19.82
C VAL D 134 -4.69 16.45 -18.68
N ALA D 135 -4.29 16.08 -17.46
CA ALA D 135 -5.10 16.35 -16.26
C ALA D 135 -5.28 17.85 -16.04
N ARG D 136 -4.21 18.62 -16.17
CA ARG D 136 -4.35 20.05 -15.98
C ARG D 136 -5.38 20.63 -16.96
N GLU D 137 -5.23 20.29 -18.23
CA GLU D 137 -6.12 20.85 -19.23
C GLU D 137 -7.53 20.36 -19.03
N ALA D 138 -7.66 19.09 -18.63
CA ALA D 138 -8.95 18.53 -18.30
C ALA D 138 -9.60 19.35 -17.22
N TYR D 139 -8.89 19.61 -16.14
CA TYR D 139 -9.45 20.40 -15.05
C TYR D 139 -9.94 21.73 -15.57
N ARG D 140 -9.15 22.38 -16.41
CA ARG D 140 -9.50 23.73 -16.88
C ARG D 140 -10.74 23.71 -17.80
N HIS D 141 -10.91 22.63 -18.56
CA HIS D 141 -11.98 22.57 -19.58
C HIS D 141 -13.22 21.84 -19.14
N LEU D 142 -13.14 21.01 -18.11
CA LEU D 142 -14.28 20.17 -17.75
C LEU D 142 -15.42 20.96 -17.08
N THR D 143 -16.64 20.52 -17.34
CA THR D 143 -17.80 21.00 -16.62
C THR D 143 -17.79 20.50 -15.18
N GLU D 144 -18.37 21.28 -14.28
CA GLU D 144 -18.58 20.83 -12.91
C GLU D 144 -19.12 19.40 -12.87
N GLY D 145 -18.63 18.57 -11.97
CA GLY D 145 -19.15 17.22 -11.84
C GLY D 145 -18.51 16.24 -12.79
N GLY D 146 -17.45 16.66 -13.46
CA GLY D 146 -16.76 15.83 -14.42
C GLY D 146 -15.87 14.75 -13.83
N ARG D 147 -15.11 14.11 -14.71
CA ARG D 147 -14.34 12.93 -14.35
C ARG D 147 -13.02 12.93 -15.08
N ILE D 148 -11.94 12.65 -14.37
CA ILE D 148 -10.64 12.42 -14.98
C ILE D 148 -10.14 11.04 -14.58
N VAL D 149 -9.68 10.27 -15.55
CA VAL D 149 -9.08 8.97 -15.28
C VAL D 149 -7.76 8.90 -16.00
N LEU D 150 -6.70 8.63 -15.23
CA LEU D 150 -5.39 8.43 -15.79
C LEU D 150 -5.06 6.94 -15.84
N THR D 151 -4.02 6.59 -16.59
CA THR D 151 -3.62 5.20 -16.70
C THR D 151 -2.29 4.95 -16.03
N SER D 152 -2.28 3.98 -15.14
CA SER D 152 -1.06 3.55 -14.48
C SER D 152 -0.81 2.12 -14.94
N SER D 153 -0.35 1.26 -14.04
CA SER D 153 0.01 -0.09 -14.39
C SER D 153 0.18 -0.91 -13.13
N ASN D 154 -0.06 -2.22 -13.19
CA ASN D 154 0.16 -3.05 -12.02
C ASN D 154 1.64 -3.06 -11.62
N THR D 155 2.53 -2.72 -12.56
CA THR D 155 3.98 -2.71 -12.29
C THR D 155 4.44 -1.55 -11.41
N SER D 156 3.60 -0.55 -11.23
CA SER D 156 3.99 0.58 -10.41
C SER D 156 4.12 0.17 -8.96
N LYS D 157 3.22 -0.68 -8.50
CA LYS D 157 3.19 -1.12 -7.12
C LYS D 157 3.09 -2.64 -6.91
N ASP D 158 2.23 -3.32 -7.66
CA ASP D 158 1.80 -4.69 -7.32
C ASP D 158 2.62 -5.80 -7.94
N PHE D 159 3.38 -5.50 -8.98
CA PHE D 159 4.06 -6.51 -9.77
C PHE D 159 5.48 -6.02 -10.03
N SER D 160 6.48 -6.80 -9.68
CA SER D 160 7.88 -6.37 -9.81
C SER D 160 8.57 -7.16 -10.88
N VAL D 161 8.95 -6.49 -11.96
CA VAL D 161 9.57 -7.14 -13.10
C VAL D 161 10.99 -6.64 -13.25
N PRO D 162 11.97 -7.54 -13.33
CA PRO D 162 13.35 -7.08 -13.60
C PRO D 162 13.43 -6.25 -14.88
N LYS D 163 14.37 -5.32 -14.90
CA LYS D 163 14.65 -4.48 -16.06
C LYS D 163 13.46 -3.61 -16.48
N HIS D 164 12.61 -3.26 -15.52
CA HIS D 164 11.39 -2.53 -15.84
C HIS D 164 11.26 -1.29 -14.99
N SER D 165 12.39 -0.74 -14.55
CA SER D 165 12.36 0.33 -13.55
C SER D 165 11.80 1.64 -14.09
N LEU D 166 12.21 1.99 -15.31
CA LEU D 166 11.78 3.25 -15.93
C LEU D 166 10.28 3.33 -16.08
N TYR D 167 9.71 2.31 -16.70
CA TYR D 167 8.27 2.25 -16.88
C TYR D 167 7.54 2.21 -15.54
N SER D 168 8.01 1.36 -14.63
CA SER D 168 7.32 1.18 -13.38
C SER D 168 7.23 2.51 -12.64
N GLY D 169 8.34 3.24 -12.66
CA GLY D 169 8.39 4.57 -12.06
C GLY D 169 7.52 5.62 -12.73
N SER D 170 7.41 5.54 -14.05
CA SER D 170 6.61 6.48 -14.79
C SER D 170 5.17 6.39 -14.39
N LYS D 171 4.75 5.18 -14.04
CA LYS D 171 3.39 4.95 -13.63
C LYS D 171 3.21 5.11 -12.11
N GLY D 172 4.25 4.86 -11.33
CA GLY D 172 4.21 5.20 -9.89
C GLY D 172 3.94 6.69 -9.64
N ALA D 173 4.51 7.56 -10.46
CA ALA D 173 4.24 8.99 -10.34
C ALA D 173 2.75 9.25 -10.53
N VAL D 174 2.16 8.61 -11.53
CA VAL D 174 0.73 8.79 -11.84
C VAL D 174 -0.14 8.41 -10.65
N ASP D 175 0.17 7.27 -10.04
CA ASP D 175 -0.53 6.85 -8.81
C ASP D 175 -0.57 7.96 -7.78
N SER D 176 0.59 8.57 -7.50
CA SER D 176 0.63 9.68 -6.54
C SER D 176 -0.18 10.87 -7.06
N PHE D 177 -0.03 11.19 -8.34
CA PHE D 177 -0.74 12.32 -8.89
C PHE D 177 -2.24 12.26 -8.60
N VAL D 178 -2.88 11.12 -8.84
CA VAL D 178 -4.33 11.10 -8.84
C VAL D 178 -4.87 11.35 -7.46
N ARG D 179 -4.16 10.88 -6.45
CA ARG D 179 -4.59 11.07 -5.07
C ARG D 179 -4.65 12.55 -4.71
N ILE D 180 -3.66 13.30 -5.15
CA ILE D 180 -3.61 14.73 -4.85
C ILE D 180 -4.47 15.51 -5.85
N PHE D 181 -4.47 15.09 -7.11
CA PHE D 181 -5.36 15.74 -8.09
C PHE D 181 -6.79 15.76 -7.58
N SER D 182 -7.23 14.68 -6.92
CA SER D 182 -8.60 14.64 -6.45
C SER D 182 -8.87 15.74 -5.43
N LYS D 183 -7.87 16.15 -4.68
CA LYS D 183 -8.05 17.24 -3.71
C LYS D 183 -8.22 18.58 -4.42
N ASP D 184 -7.39 18.84 -5.42
CA ASP D 184 -7.48 20.11 -6.17
C ASP D 184 -8.76 20.17 -7.02
N CYS D 185 -9.09 19.04 -7.64
CA CYS D 185 -10.20 18.98 -8.59
C CYS D 185 -11.56 18.99 -7.92
N GLY D 186 -11.58 18.79 -6.62
CA GLY D 186 -12.81 18.83 -5.86
C GLY D 186 -13.51 20.18 -5.84
N ASP D 187 -12.80 21.27 -6.13
CA ASP D 187 -13.47 22.57 -6.16
C ASP D 187 -14.35 22.76 -7.41
N LYS D 188 -14.20 21.89 -8.41
CA LYS D 188 -15.16 21.78 -9.52
C LYS D 188 -15.93 20.44 -9.45
N LYS D 189 -15.91 19.81 -8.27
CA LYS D 189 -16.56 18.53 -8.03
C LYS D 189 -16.18 17.49 -9.10
N ILE D 190 -14.93 17.53 -9.53
CA ILE D 190 -14.41 16.59 -10.50
C ILE D 190 -13.67 15.49 -9.74
N THR D 191 -14.01 14.23 -9.97
CA THR D 191 -13.26 13.13 -9.41
C THR D 191 -12.09 12.76 -10.34
N VAL D 192 -11.02 12.24 -9.74
CA VAL D 192 -9.82 11.82 -10.45
C VAL D 192 -9.39 10.49 -9.90
N ASN D 193 -9.21 9.53 -10.79
CA ASN D 193 -8.79 8.18 -10.44
C ASN D 193 -7.79 7.71 -11.46
N ALA D 194 -7.19 6.56 -11.21
CA ALA D 194 -6.39 5.88 -12.23
C ALA D 194 -6.78 4.42 -12.30
N VAL D 195 -6.67 3.83 -13.49
CA VAL D 195 -6.76 2.39 -13.63
C VAL D 195 -5.34 1.86 -13.87
N ALA D 196 -5.03 0.72 -13.28
CA ALA D 196 -3.70 0.13 -13.36
C ALA D 196 -3.84 -1.30 -13.89
N PRO D 197 -3.88 -1.43 -15.22
CA PRO D 197 -4.08 -2.77 -15.77
C PRO D 197 -2.85 -3.62 -15.60
N GLY D 198 -3.06 -4.93 -15.49
CA GLY D 198 -1.99 -5.89 -15.68
C GLY D 198 -1.90 -6.19 -17.15
N GLY D 199 -1.27 -7.31 -17.48
CA GLY D 199 -1.09 -7.69 -18.88
C GLY D 199 -2.42 -7.76 -19.60
N THR D 200 -2.59 -6.90 -20.59
CA THR D 200 -3.81 -6.78 -21.36
C THR D 200 -3.41 -6.95 -22.82
N VAL D 201 -4.08 -7.84 -23.54
CA VAL D 201 -3.65 -8.20 -24.88
C VAL D 201 -3.93 -7.06 -25.89
N THR D 202 -2.85 -6.41 -26.33
CA THR D 202 -2.85 -5.29 -27.29
C THR D 202 -1.52 -5.39 -28.05
N ASP D 203 -1.22 -4.42 -28.91
CA ASP D 203 0.09 -4.37 -29.59
C ASP D 203 1.23 -4.32 -28.58
N MET D 204 1.06 -3.54 -27.52
CA MET D 204 2.08 -3.42 -26.48
C MET D 204 2.38 -4.77 -25.80
N PHE D 205 1.34 -5.58 -25.59
CA PHE D 205 1.49 -6.87 -24.95
C PHE D 205 2.42 -7.76 -25.76
N HIS D 206 2.08 -7.92 -27.03
CA HIS D 206 2.82 -8.82 -27.90
C HIS D 206 4.22 -8.36 -28.18
N GLU D 207 4.44 -7.05 -28.16
CA GLU D 207 5.78 -6.54 -28.42
C GLU D 207 6.74 -6.93 -27.27
N VAL D 208 6.24 -6.94 -26.04
CA VAL D 208 7.11 -7.11 -24.85
C VAL D 208 6.86 -8.33 -23.93
N SER D 209 5.89 -9.20 -24.22
CA SER D 209 5.57 -10.32 -23.31
C SER D 209 6.80 -11.16 -22.94
N HIS D 210 7.80 -11.20 -23.80
CA HIS D 210 9.03 -11.98 -23.50
C HIS D 210 9.85 -11.45 -22.34
N HIS D 211 9.71 -10.16 -22.02
CA HIS D 211 10.42 -9.54 -20.89
C HIS D 211 9.82 -9.89 -19.58
N TYR D 212 8.54 -10.23 -19.58
CA TYR D 212 7.83 -10.56 -18.35
C TYR D 212 8.03 -12.01 -17.92
N ILE D 213 8.58 -12.84 -18.79
CA ILE D 213 8.72 -14.28 -18.53
C ILE D 213 10.19 -14.70 -18.52
N PRO D 214 10.61 -15.50 -17.52
CA PRO D 214 11.96 -16.07 -17.56
C PRO D 214 12.19 -16.88 -18.85
N ASN D 215 13.31 -16.62 -19.51
CA ASN D 215 13.58 -17.17 -20.84
C ASN D 215 12.46 -16.96 -21.87
N GLY D 216 11.77 -15.81 -21.79
CA GLY D 216 10.58 -15.55 -22.60
C GLY D 216 10.81 -15.73 -24.09
N THR D 217 12.02 -15.43 -24.53
CA THR D 217 12.41 -15.55 -25.94
C THR D 217 12.32 -16.97 -26.55
N SER D 218 12.42 -18.01 -25.74
CA SER D 218 12.38 -19.38 -26.28
C SER D 218 10.98 -20.02 -26.17
N TYR D 219 9.97 -19.19 -25.95
CA TYR D 219 8.56 -19.59 -26.06
C TYR D 219 7.97 -18.84 -27.22
N THR D 220 6.98 -19.45 -27.87
CA THR D 220 6.20 -18.75 -28.89
C THR D 220 5.40 -17.61 -28.28
N ALA D 221 4.98 -16.68 -29.12
CA ALA D 221 4.11 -15.59 -28.74
C ALA D 221 2.78 -16.09 -28.16
N GLU D 222 2.25 -17.18 -28.70
CA GLU D 222 1.02 -17.77 -28.23
C GLU D 222 1.21 -18.38 -26.84
N GLN D 223 2.28 -19.17 -26.65
CA GLN D 223 2.65 -19.69 -25.31
C GLN D 223 2.80 -18.58 -24.25
N ARG D 224 3.41 -17.47 -24.64
CA ARG D 224 3.64 -16.39 -23.70
C ARG D 224 2.29 -15.80 -23.24
N GLN D 225 1.35 -15.67 -24.17
CA GLN D 225 0.02 -15.17 -23.85
C GLN D 225 -0.70 -16.13 -22.91
N GLN D 226 -0.55 -17.42 -23.16
CA GLN D 226 -1.12 -18.47 -22.30
C GLN D 226 -0.56 -18.37 -20.88
N MET D 227 0.76 -18.16 -20.75
CA MET D 227 1.34 -18.02 -19.42
C MET D 227 0.83 -16.79 -18.67
N ALA D 228 0.66 -15.68 -19.39
CA ALA D 228 0.04 -14.50 -18.80
C ALA D 228 -1.39 -14.77 -18.34
N ALA D 229 -2.10 -15.60 -19.09
CA ALA D 229 -3.46 -16.01 -18.73
C ALA D 229 -3.47 -16.74 -17.36
N HIS D 230 -2.48 -17.61 -17.15
CA HIS D 230 -2.43 -18.38 -15.93
C HIS D 230 -1.96 -17.60 -14.72
N ALA D 231 -1.54 -16.35 -14.92
CA ALA D 231 -1.19 -15.51 -13.77
C ALA D 231 -2.46 -15.08 -13.01
N SER D 232 -3.60 -14.99 -13.70
CA SER D 232 -4.87 -14.74 -13.04
C SER D 232 -5.44 -16.04 -12.54
N PRO D 233 -6.01 -16.05 -11.33
CA PRO D 233 -6.74 -17.23 -10.87
C PRO D 233 -7.99 -17.55 -11.72
N LEU D 234 -8.41 -16.62 -12.56
CA LEU D 234 -9.48 -16.91 -13.52
C LEU D 234 -8.98 -17.58 -14.81
N HIS D 235 -7.66 -17.70 -14.96
CA HIS D 235 -7.04 -18.41 -16.09
C HIS D 235 -7.47 -17.87 -17.44
N ARG D 236 -7.40 -16.55 -17.58
CA ARG D 236 -7.58 -15.92 -18.87
C ARG D 236 -6.78 -14.67 -18.91
N ASN D 237 -6.59 -14.13 -20.11
CA ASN D 237 -5.89 -12.89 -20.27
C ASN D 237 -6.83 -11.73 -19.95
N GLY D 238 -6.24 -10.61 -19.61
CA GLY D 238 -6.95 -9.33 -19.62
C GLY D 238 -7.09 -8.85 -21.06
N TRP D 239 -8.23 -8.25 -21.35
CA TRP D 239 -8.53 -7.67 -22.64
C TRP D 239 -8.87 -6.23 -22.52
N PRO D 240 -8.77 -5.47 -23.63
CA PRO D 240 -9.07 -4.04 -23.51
C PRO D 240 -10.45 -3.78 -22.95
N GLN D 241 -11.43 -4.63 -23.29
CA GLN D 241 -12.79 -4.45 -22.80
C GLN D 241 -12.86 -4.53 -21.24
N ASP D 242 -11.96 -5.29 -20.62
CA ASP D 242 -11.91 -5.40 -19.15
C ASP D 242 -11.61 -4.05 -18.53
N VAL D 243 -10.65 -3.35 -19.12
CA VAL D 243 -10.31 -2.01 -18.65
C VAL D 243 -11.40 -1.02 -18.97
N ALA D 244 -11.93 -1.10 -20.19
CA ALA D 244 -13.03 -0.21 -20.59
C ALA D 244 -14.18 -0.30 -19.62
N ASN D 245 -14.53 -1.51 -19.18
CA ASN D 245 -15.69 -1.74 -18.30
C ASN D 245 -15.52 -0.94 -17.03
N VAL D 246 -14.31 -0.92 -16.51
CA VAL D 246 -14.03 -0.25 -15.25
C VAL D 246 -13.98 1.27 -15.45
N VAL D 247 -13.33 1.74 -16.51
CA VAL D 247 -13.26 3.20 -16.77
C VAL D 247 -14.68 3.73 -16.87
N GLY D 248 -15.52 3.01 -17.60
CA GLY D 248 -16.93 3.38 -17.77
C GLY D 248 -17.66 3.55 -16.45
N PHE D 249 -17.45 2.63 -15.51
CA PHE D 249 -18.03 2.80 -14.20
C PHE D 249 -17.46 4.01 -13.46
N LEU D 250 -16.14 4.18 -13.50
CA LEU D 250 -15.53 5.30 -12.76
C LEU D 250 -16.04 6.65 -13.26
N VAL D 251 -16.28 6.77 -14.56
CA VAL D 251 -16.71 8.04 -15.12
C VAL D 251 -18.22 8.26 -15.07
N SER D 252 -18.95 7.26 -14.61
CA SER D 252 -20.39 7.38 -14.47
C SER D 252 -20.74 8.13 -13.20
N LYS D 253 -21.99 8.51 -13.11
CA LYS D 253 -22.51 9.12 -11.90
C LYS D 253 -22.30 8.18 -10.68
N GLU D 254 -22.54 6.88 -10.88
CA GLU D 254 -22.41 5.88 -9.85
C GLU D 254 -20.99 5.63 -9.33
N GLY D 255 -19.99 6.04 -10.08
CA GLY D 255 -18.61 5.91 -9.61
C GLY D 255 -18.11 7.03 -8.70
N GLU D 256 -18.97 8.01 -8.42
CA GLU D 256 -18.52 9.25 -7.78
C GLU D 256 -17.69 9.05 -6.51
N TRP D 257 -18.09 8.09 -5.67
CA TRP D 257 -17.45 7.98 -4.39
C TRP D 257 -16.12 7.27 -4.44
N VAL D 258 -15.77 6.73 -5.61
CA VAL D 258 -14.41 6.32 -5.89
C VAL D 258 -13.69 7.56 -6.41
N ASN D 259 -12.77 8.09 -5.62
CA ASN D 259 -12.12 9.35 -5.95
C ASN D 259 -10.74 9.36 -5.31
N GLY D 260 -9.76 9.74 -6.10
CA GLY D 260 -8.37 9.72 -5.64
C GLY D 260 -7.73 8.34 -5.57
N LYS D 261 -8.31 7.35 -6.27
CA LYS D 261 -7.87 5.96 -6.12
C LYS D 261 -7.21 5.43 -7.38
N VAL D 262 -6.35 4.44 -7.17
CA VAL D 262 -5.79 3.66 -8.26
C VAL D 262 -6.31 2.24 -8.16
N LEU D 263 -7.02 1.79 -9.17
CA LEU D 263 -7.60 0.44 -9.18
C LEU D 263 -6.77 -0.46 -10.07
N THR D 264 -6.14 -1.46 -9.47
CA THR D 264 -5.41 -2.43 -10.23
C THR D 264 -6.35 -3.45 -10.84
N LEU D 265 -6.26 -3.61 -12.16
CA LEU D 265 -7.14 -4.46 -12.96
C LEU D 265 -6.29 -5.55 -13.59
N ASP D 266 -6.14 -6.65 -12.86
CA ASP D 266 -5.29 -7.75 -13.29
C ASP D 266 -5.98 -9.12 -13.10
N GLY D 267 -7.29 -9.11 -12.92
CA GLY D 267 -8.04 -10.33 -12.72
C GLY D 267 -7.62 -11.16 -11.55
N GLY D 268 -7.01 -10.53 -10.56
CA GLY D 268 -6.62 -11.20 -9.32
C GLY D 268 -5.20 -11.75 -9.32
N ALA D 269 -4.37 -11.35 -10.28
CA ALA D 269 -2.97 -11.82 -10.36
C ALA D 269 -2.16 -11.43 -9.15
N ALA D 270 -2.26 -10.19 -8.71
CA ALA D 270 -1.47 -9.72 -7.57
C ALA D 270 -1.77 -10.56 -6.31
#